data_4EAT
#
_entry.id   4EAT
#
_cell.length_a   58.652
_cell.length_b   96.018
_cell.length_c   95.376
_cell.angle_alpha   90.00
_cell.angle_beta   104.648
_cell.angle_gamma   90.00
#
_symmetry.space_group_name_H-M   'P 1 21 1'
#
loop_
_entity.id
_entity.type
_entity.pdbx_description
1 polymer 'Benzoate-coenzyme A ligase'
2 non-polymer 'BENZOIC ACID'
3 non-polymer 1,2-ETHANEDIOL
4 non-polymer GLYCEROL
5 water water
#
_entity_poly.entity_id   1
_entity_poly.type   'polypeptide(L)'
_entity_poly.pdbx_seq_one_letter_code
;MNAAAVTPPPEKFNFAEHLLQTNRVRPDKTAFVDDISSLSFAQLEAQTRQLAAALRAIGVKREERVLLLMLDGTDWPVAF
LGAIYAGIVPVAVNTLLTADDYAYMLEHSRAQAVLVSGALHPVLKAALTKSDHEVQRVIVSRPAAPLEPGEVDFAEFVGA
HAPLEKPAATQADDPAFWLYSSGSTGRPKGVVHTHANPYWTSELYGRNTLHLREDDVCFSAAKLFFAYGLGNALTFPMTV
GATTLLMGERPTPDAVFKRWLGGVGGVKPTVFYGAPTGYAGMLAAPNLPSRDQVALRLASSAGEALPAEIGQRFQRHFGL
DIVDGIGSTEMLHIFLSNLPDRVRYGTTGWPVPGYQIELRGDGGGPVADGEPGDLYIHGPSSATMYWGNRAKSRDTFQGG
WTKSGDKYVRNDDGSYTYAGRTDDMLKVSGIYVSPFEIEATLVQHPGVLEAAVVGVADEHGLTKPKAYVVPRPGQTLSET
ELKTFIKDRLAPYKYPRSTVFVAELPKTATGKIQRFKLREGVLG
;
_entity_poly.pdbx_strand_id   A,B
#
# COMPACT_ATOMS: atom_id res chain seq x y z
N VAL A 6 -11.62 -22.85 37.00
CA VAL A 6 -11.77 -23.37 35.58
C VAL A 6 -10.64 -24.35 35.34
N THR A 7 -10.99 -25.57 34.89
CA THR A 7 -9.97 -26.57 34.62
C THR A 7 -9.23 -26.24 33.27
N PRO A 8 -7.88 -26.36 33.26
CA PRO A 8 -7.15 -26.02 32.00
C PRO A 8 -7.55 -26.99 30.95
N PRO A 9 -7.42 -26.56 29.67
CA PRO A 9 -7.72 -27.45 28.58
C PRO A 9 -6.63 -28.58 28.59
N PRO A 10 -6.91 -29.72 28.00
CA PRO A 10 -5.87 -30.80 27.97
C PRO A 10 -4.76 -30.36 27.05
N GLU A 11 -3.61 -31.02 27.16
CA GLU A 11 -2.49 -30.51 26.29
C GLU A 11 -2.66 -30.83 24.84
N LYS A 12 -3.39 -31.93 24.55
CA LYS A 12 -3.83 -32.21 23.19
C LYS A 12 -5.27 -31.65 23.08
N PHE A 13 -5.39 -30.64 22.22
CA PHE A 13 -6.63 -29.87 22.24
C PHE A 13 -6.78 -29.18 20.90
N ASN A 14 -7.95 -29.35 20.26
CA ASN A 14 -8.23 -28.59 19.03
C ASN A 14 -9.49 -27.78 19.34
N PHE A 15 -9.39 -26.46 19.25
CA PHE A 15 -10.46 -25.61 19.79
C PHE A 15 -11.73 -25.83 18.96
N ALA A 16 -11.61 -26.04 17.64
CA ALA A 16 -12.84 -26.26 16.86
C ALA A 16 -13.55 -27.59 17.23
N GLU A 17 -12.77 -28.64 17.43
CA GLU A 17 -13.35 -29.94 17.86
C GLU A 17 -13.99 -29.71 19.25
N HIS A 18 -13.42 -28.85 20.06
CA HIS A 18 -13.95 -28.58 21.43
C HIS A 18 -15.36 -27.97 21.33
N LEU A 19 -15.50 -26.89 20.55
CA LEU A 19 -16.81 -26.30 20.29
C LEU A 19 -17.77 -27.21 19.63
N LEU A 20 -17.32 -28.05 18.68
CA LEU A 20 -18.31 -28.97 18.06
C LEU A 20 -18.76 -30.01 19.09
N GLN A 21 -17.82 -30.58 19.83
CA GLN A 21 -18.21 -31.66 20.81
C GLN A 21 -19.14 -31.10 21.88
N THR A 22 -18.90 -29.84 22.30
CA THR A 22 -19.77 -29.18 23.28
C THR A 22 -21.24 -29.19 22.86
N ASN A 23 -21.51 -29.08 21.56
CA ASN A 23 -22.85 -28.86 21.11
C ASN A 23 -23.48 -30.10 20.45
N ARG A 24 -22.82 -31.23 20.60
CA ARG A 24 -23.40 -32.50 20.07
C ARG A 24 -24.69 -32.85 20.86
N VAL A 25 -24.84 -32.27 22.06
CA VAL A 25 -26.07 -32.47 22.84
C VAL A 25 -27.30 -31.70 22.31
N ARG A 26 -27.05 -30.77 21.36
CA ARG A 26 -28.11 -29.90 20.89
C ARG A 26 -28.04 -29.71 19.37
N PRO A 27 -28.06 -30.83 18.64
CA PRO A 27 -27.81 -30.80 17.19
C PRO A 27 -28.82 -29.97 16.48
N ASP A 28 -30.06 -29.90 16.98
CA ASP A 28 -31.10 -29.22 16.25
C ASP A 28 -31.42 -27.79 16.70
N LYS A 29 -30.67 -27.31 17.66
CA LYS A 29 -30.83 -25.95 18.06
C LYS A 29 -30.18 -25.03 17.04
N THR A 30 -30.79 -23.88 16.77
CA THR A 30 -30.07 -22.89 15.87
C THR A 30 -28.75 -22.40 16.49
N ALA A 31 -27.68 -22.56 15.76
CA ALA A 31 -26.36 -22.01 16.25
C ALA A 31 -26.24 -20.58 15.76
N PHE A 32 -26.48 -20.35 14.42
CA PHE A 32 -26.29 -19.00 13.83
C PHE A 32 -27.41 -18.72 12.89
N VAL A 33 -27.85 -17.48 12.93
CA VAL A 33 -28.86 -17.06 11.97
C VAL A 33 -28.49 -15.65 11.49
N ASP A 34 -28.68 -15.42 10.20
CA ASP A 34 -28.48 -14.09 9.64
C ASP A 34 -29.69 -13.71 8.74
N ASP A 35 -29.56 -12.68 7.91
CA ASP A 35 -30.80 -12.19 7.23
C ASP A 35 -31.32 -13.16 6.23
N ILE A 36 -30.46 -14.04 5.73
CA ILE A 36 -30.89 -14.98 4.66
C ILE A 36 -30.76 -16.47 4.97
N SER A 37 -30.26 -16.86 6.13
CA SER A 37 -29.84 -18.25 6.28
C SER A 37 -29.77 -18.56 7.76
N SER A 38 -29.75 -19.85 8.08
CA SER A 38 -29.55 -20.34 9.44
C SER A 38 -28.83 -21.67 9.42
N LEU A 39 -28.08 -21.93 10.49
CA LEU A 39 -27.39 -23.23 10.67
C LEU A 39 -27.74 -23.70 12.05
N SER A 40 -28.23 -24.94 12.15
CA SER A 40 -28.31 -25.59 13.45
C SER A 40 -26.89 -26.01 13.86
N PHE A 41 -26.68 -26.45 15.11
CA PHE A 41 -25.34 -26.88 15.50
C PHE A 41 -24.90 -28.11 14.63
N ALA A 42 -25.89 -28.95 14.28
CA ALA A 42 -25.51 -30.13 13.46
C ALA A 42 -25.11 -29.69 12.06
N GLN A 43 -25.86 -28.74 11.50
CA GLN A 43 -25.54 -28.23 10.17
C GLN A 43 -24.20 -27.55 10.16
N LEU A 44 -23.97 -26.81 11.24
CA LEU A 44 -22.69 -26.11 11.41
C LEU A 44 -21.52 -27.13 11.47
N GLU A 45 -21.64 -28.23 12.24
CA GLU A 45 -20.58 -29.18 12.36
C GLU A 45 -20.32 -29.81 11.00
N ALA A 46 -21.38 -30.18 10.27
CA ALA A 46 -21.21 -30.79 8.93
C ALA A 46 -20.42 -29.82 8.00
N GLN A 47 -20.87 -28.58 7.95
CA GLN A 47 -20.27 -27.65 6.97
C GLN A 47 -18.87 -27.32 7.36
N THR A 48 -18.66 -27.18 8.68
CA THR A 48 -17.30 -26.92 9.23
C THR A 48 -16.28 -28.02 8.81
N ARG A 49 -16.70 -29.28 8.97
CA ARG A 49 -15.84 -30.43 8.65
C ARG A 49 -15.68 -30.64 7.17
N GLN A 50 -16.71 -30.34 6.38
CA GLN A 50 -16.60 -30.38 4.90
C GLN A 50 -15.65 -29.28 4.41
N LEU A 51 -15.79 -28.06 4.93
CA LEU A 51 -14.75 -27.00 4.60
C LEU A 51 -13.33 -27.40 5.02
N ALA A 52 -13.17 -28.00 6.19
CA ALA A 52 -11.84 -28.45 6.62
C ALA A 52 -11.26 -29.43 5.55
N ALA A 53 -12.12 -30.36 5.07
CA ALA A 53 -11.68 -31.29 4.04
C ALA A 53 -11.35 -30.59 2.78
N ALA A 54 -12.18 -29.63 2.38
CA ALA A 54 -11.96 -28.90 1.12
C ALA A 54 -10.62 -28.16 1.12
N LEU A 55 -10.30 -27.50 2.25
CA LEU A 55 -9.05 -26.76 2.34
C LEU A 55 -7.89 -27.75 2.25
N ARG A 56 -8.01 -28.94 2.86
CA ARG A 56 -6.93 -29.93 2.76
C ARG A 56 -6.83 -30.44 1.35
N ALA A 57 -7.95 -30.57 0.68
CA ALA A 57 -7.93 -31.17 -0.67
C ALA A 57 -7.23 -30.24 -1.65
N ILE A 58 -7.34 -28.92 -1.47
CA ILE A 58 -6.57 -28.00 -2.36
C ILE A 58 -5.10 -27.84 -1.93
N GLY A 59 -4.63 -28.66 -1.00
CA GLY A 59 -3.27 -28.71 -0.63
C GLY A 59 -2.80 -27.80 0.50
N VAL A 60 -3.74 -27.14 1.21
CA VAL A 60 -3.32 -26.30 2.34
C VAL A 60 -3.02 -27.23 3.50
N LYS A 61 -1.87 -27.00 4.14
CA LYS A 61 -1.34 -27.95 5.14
C LYS A 61 -1.56 -27.43 6.56
N ARG A 62 -1.45 -28.32 7.54
CA ARG A 62 -1.33 -27.87 8.90
C ARG A 62 -0.28 -26.78 9.13
N GLU A 63 -0.70 -25.74 9.88
CA GLU A 63 0.11 -24.60 10.33
C GLU A 63 0.11 -23.47 9.28
N GLU A 64 -0.28 -23.77 8.03
CA GLU A 64 -0.33 -22.71 6.99
C GLU A 64 -1.50 -21.80 7.31
N ARG A 65 -1.39 -20.56 6.85
CA ARG A 65 -2.44 -19.54 7.07
C ARG A 65 -3.40 -19.45 5.90
N VAL A 66 -4.65 -19.04 6.18
CA VAL A 66 -5.55 -18.63 5.17
C VAL A 66 -6.09 -17.28 5.61
N LEU A 67 -6.47 -16.41 4.67
CA LEU A 67 -6.96 -15.11 5.09
C LEU A 67 -8.49 -15.23 5.10
N LEU A 68 -9.10 -14.71 6.16
CA LEU A 68 -10.60 -14.80 6.26
C LEU A 68 -11.13 -13.29 6.33
N LEU A 69 -11.67 -12.87 5.18
CA LEU A 69 -12.05 -11.47 4.90
C LEU A 69 -13.54 -11.55 4.61
N MET A 70 -14.37 -11.51 5.65
CA MET A 70 -15.77 -11.83 5.44
C MET A 70 -16.64 -11.02 6.32
N LEU A 71 -17.75 -10.55 5.75
CA LEU A 71 -18.83 -9.91 6.56
C LEU A 71 -19.44 -10.93 7.54
N ASP A 72 -20.02 -10.42 8.60
CA ASP A 72 -20.68 -11.31 9.55
C ASP A 72 -21.88 -12.00 8.85
N GLY A 73 -21.96 -13.32 9.01
CA GLY A 73 -23.04 -14.10 8.39
C GLY A 73 -22.71 -15.53 8.70
N THR A 74 -23.68 -16.42 8.46
CA THR A 74 -23.49 -17.84 8.85
C THR A 74 -22.25 -18.54 8.22
N ASP A 75 -21.72 -18.11 7.05
CA ASP A 75 -20.49 -18.72 6.52
C ASP A 75 -19.25 -18.31 7.32
N TRP A 76 -19.32 -17.20 8.08
CA TRP A 76 -18.08 -16.81 8.83
C TRP A 76 -17.63 -17.90 9.87
N PRO A 77 -18.52 -18.38 10.76
CA PRO A 77 -17.98 -19.43 11.71
C PRO A 77 -17.61 -20.75 10.98
N VAL A 78 -18.29 -21.09 9.86
CA VAL A 78 -17.93 -22.30 9.09
C VAL A 78 -16.47 -22.10 8.61
N ALA A 79 -16.18 -20.88 8.08
CA ALA A 79 -14.78 -20.57 7.60
C ALA A 79 -13.73 -20.66 8.74
N PHE A 80 -14.06 -20.00 9.86
CA PHE A 80 -13.13 -19.89 11.01
C PHE A 80 -12.92 -21.28 11.65
N LEU A 81 -14.01 -21.96 12.06
CA LEU A 81 -13.85 -23.29 12.68
C LEU A 81 -13.38 -24.35 11.67
N GLY A 82 -13.74 -24.27 10.36
CA GLY A 82 -13.31 -25.25 9.39
C GLY A 82 -11.80 -25.28 9.21
N ALA A 83 -11.20 -24.10 9.15
CA ALA A 83 -9.74 -24.01 9.06
C ALA A 83 -9.19 -24.59 10.34
N ILE A 84 -9.74 -24.17 11.51
CA ILE A 84 -9.12 -24.59 12.76
C ILE A 84 -9.21 -26.14 12.97
N TYR A 85 -10.32 -26.71 12.54
CA TYR A 85 -10.53 -28.19 12.59
C TYR A 85 -9.47 -28.89 11.80
N ALA A 86 -9.09 -28.31 10.66
CA ALA A 86 -8.02 -28.91 9.84
C ALA A 86 -6.59 -28.59 10.34
N GLY A 87 -6.48 -27.80 11.39
CA GLY A 87 -5.19 -27.34 11.91
C GLY A 87 -4.52 -26.31 10.98
N ILE A 88 -5.34 -25.64 10.18
CA ILE A 88 -4.98 -24.50 9.33
C ILE A 88 -5.29 -23.22 10.12
N VAL A 89 -4.50 -22.14 9.93
CA VAL A 89 -4.58 -20.97 10.79
C VAL A 89 -5.31 -19.86 10.05
N PRO A 90 -6.60 -19.63 10.37
CA PRO A 90 -7.31 -18.51 9.69
C PRO A 90 -6.82 -17.18 10.29
N VAL A 91 -6.69 -16.18 9.44
CA VAL A 91 -6.14 -14.87 9.88
C VAL A 91 -7.36 -13.96 9.64
N ALA A 92 -8.09 -13.60 10.71
CA ALA A 92 -9.41 -13.00 10.55
C ALA A 92 -9.28 -11.50 10.57
N VAL A 93 -9.72 -10.84 9.49
CA VAL A 93 -9.34 -9.42 9.35
C VAL A 93 -10.53 -8.46 9.10
N ASN A 94 -10.28 -7.19 9.47
CA ASN A 94 -11.26 -6.10 9.33
C ASN A 94 -11.71 -5.97 7.86
N THR A 95 -13.01 -5.75 7.62
CA THR A 95 -13.55 -5.78 6.33
C THR A 95 -13.63 -4.35 5.71
N LEU A 96 -13.08 -3.35 6.41
CA LEU A 96 -13.15 -1.93 6.01
CA LEU A 96 -13.16 -1.99 5.81
C LEU A 96 -11.75 -1.40 5.61
N LEU A 97 -10.81 -2.27 5.27
CA LEU A 97 -9.41 -1.84 4.99
C LEU A 97 -9.25 -1.62 3.50
N THR A 98 -8.09 -1.15 3.11
CA THR A 98 -7.80 -0.88 1.65
C THR A 98 -7.13 -2.07 1.01
N ALA A 99 -7.12 -2.10 -0.31
CA ALA A 99 -6.37 -3.16 -1.00
C ALA A 99 -4.92 -3.23 -0.60
N ASP A 100 -4.31 -2.08 -0.30
CA ASP A 100 -2.91 -2.11 0.14
C ASP A 100 -2.73 -2.82 1.48
N ASP A 101 -3.69 -2.55 2.39
CA ASP A 101 -3.65 -3.22 3.68
C ASP A 101 -3.73 -4.72 3.50
N TYR A 102 -4.68 -5.16 2.69
CA TYR A 102 -4.78 -6.63 2.49
C TYR A 102 -3.58 -7.19 1.71
N ALA A 103 -2.98 -6.40 0.81
CA ALA A 103 -1.79 -6.93 0.11
C ALA A 103 -0.70 -7.20 1.11
N TYR A 104 -0.51 -6.27 2.08
CA TYR A 104 0.51 -6.44 3.10
C TYR A 104 0.13 -7.71 3.87
N MET A 105 -1.15 -7.84 4.25
CA MET A 105 -1.49 -9.02 5.09
C MET A 105 -1.31 -10.38 4.31
N LEU A 106 -1.61 -10.41 3.01
CA LEU A 106 -1.40 -11.65 2.18
C LEU A 106 0.11 -11.99 2.23
N GLU A 107 0.97 -10.99 2.11
CA GLU A 107 2.42 -11.30 2.05
C GLU A 107 2.98 -11.72 3.41
N HIS A 108 2.55 -10.97 4.40
CA HIS A 108 3.10 -11.09 5.77
C HIS A 108 2.62 -12.47 6.35
N SER A 109 1.33 -12.80 6.06
CA SER A 109 0.74 -14.07 6.58
C SER A 109 1.19 -15.29 5.73
N ARG A 110 1.71 -15.01 4.50
CA ARG A 110 1.89 -16.09 3.50
C ARG A 110 0.62 -16.93 3.35
N ALA A 111 -0.54 -16.26 3.37
CA ALA A 111 -1.82 -16.98 3.17
C ALA A 111 -1.82 -17.84 1.90
N GLN A 112 -2.30 -19.08 2.05
CA GLN A 112 -2.33 -20.05 0.92
C GLN A 112 -3.66 -20.10 0.26
N ALA A 113 -4.67 -19.50 0.90
CA ALA A 113 -6.03 -19.40 0.30
C ALA A 113 -6.70 -18.20 0.97
N VAL A 114 -7.80 -17.76 0.37
CA VAL A 114 -8.52 -16.67 0.98
C VAL A 114 -9.99 -17.08 0.94
N LEU A 115 -10.69 -16.81 2.04
CA LEU A 115 -12.13 -17.00 2.13
C LEU A 115 -12.67 -15.58 2.27
N VAL A 116 -13.48 -15.17 1.28
CA VAL A 116 -13.88 -13.78 1.11
C VAL A 116 -15.38 -13.66 0.79
N SER A 117 -16.00 -12.65 1.37
CA SER A 117 -17.41 -12.28 1.02
C SER A 117 -17.46 -11.70 -0.38
N GLY A 118 -18.51 -12.03 -1.11
CA GLY A 118 -18.72 -11.37 -2.42
C GLY A 118 -18.50 -9.84 -2.49
N ALA A 119 -19.09 -9.11 -1.55
CA ALA A 119 -18.99 -7.69 -1.50
C ALA A 119 -17.55 -7.23 -1.32
N LEU A 120 -16.68 -8.09 -0.79
CA LEU A 120 -15.23 -7.72 -0.58
C LEU A 120 -14.34 -8.31 -1.65
N HIS A 121 -14.91 -9.05 -2.62
CA HIS A 121 -14.02 -9.68 -3.61
C HIS A 121 -13.27 -8.59 -4.47
N PRO A 122 -13.91 -7.46 -4.78
CA PRO A 122 -13.14 -6.48 -5.62
C PRO A 122 -11.90 -5.92 -4.89
N VAL A 123 -12.04 -5.52 -3.63
CA VAL A 123 -10.85 -5.05 -2.87
C VAL A 123 -9.78 -6.13 -2.77
N LEU A 124 -10.19 -7.41 -2.59
CA LEU A 124 -9.27 -8.52 -2.46
C LEU A 124 -8.56 -8.71 -3.82
N LYS A 125 -9.32 -8.57 -4.95
CA LYS A 125 -8.67 -8.75 -6.27
C LYS A 125 -7.54 -7.68 -6.47
N ALA A 126 -7.81 -6.46 -6.06
CA ALA A 126 -6.80 -5.43 -6.14
C ALA A 126 -5.60 -5.78 -5.28
N ALA A 127 -5.88 -6.33 -4.06
CA ALA A 127 -4.74 -6.72 -3.22
C ALA A 127 -3.95 -7.88 -3.90
N LEU A 128 -4.65 -8.88 -4.47
CA LEU A 128 -3.93 -10.01 -5.11
C LEU A 128 -3.10 -9.51 -6.29
N THR A 129 -3.65 -8.61 -7.09
CA THR A 129 -2.97 -8.18 -8.29
C THR A 129 -1.65 -7.44 -7.98
N LYS A 130 -1.64 -6.71 -6.88
CA LYS A 130 -0.47 -5.90 -6.57
C LYS A 130 0.58 -6.60 -5.68
N SER A 131 0.27 -7.74 -5.09
CA SER A 131 1.19 -8.36 -4.13
C SER A 131 1.95 -9.60 -4.59
N ASP A 132 3.01 -9.91 -3.83
CA ASP A 132 3.79 -11.09 -4.10
C ASP A 132 3.25 -12.18 -3.17
N HIS A 133 2.03 -12.63 -3.45
CA HIS A 133 1.31 -13.53 -2.51
C HIS A 133 1.49 -14.97 -2.95
N GLU A 134 1.00 -15.90 -2.14
CA GLU A 134 1.07 -17.34 -2.39
C GLU A 134 -0.30 -17.96 -2.37
N VAL A 135 -1.33 -17.19 -2.69
CA VAL A 135 -2.72 -17.69 -2.64
C VAL A 135 -2.98 -18.70 -3.80
N GLN A 136 -3.45 -19.91 -3.43
CA GLN A 136 -3.70 -21.00 -4.37
C GLN A 136 -5.15 -21.05 -4.83
N ARG A 137 -6.04 -20.43 -4.05
CA ARG A 137 -7.49 -20.44 -4.35
C ARG A 137 -8.18 -19.36 -3.58
N VAL A 138 -9.18 -18.75 -4.23
CA VAL A 138 -10.08 -17.72 -3.59
C VAL A 138 -11.47 -18.39 -3.49
N ILE A 139 -12.03 -18.44 -2.28
CA ILE A 139 -13.29 -19.12 -2.01
C ILE A 139 -14.26 -18.02 -1.65
N VAL A 140 -15.27 -17.79 -2.47
CA VAL A 140 -16.04 -16.57 -2.41
C VAL A 140 -17.36 -16.95 -1.80
N SER A 141 -17.65 -16.42 -0.58
CA SER A 141 -19.00 -16.54 0.00
C SER A 141 -19.95 -15.54 -0.57
N ARG A 142 -21.03 -16.07 -1.18
CA ARG A 142 -22.08 -15.21 -1.79
C ARG A 142 -21.49 -14.23 -2.84
N PRO A 143 -20.96 -14.77 -3.94
CA PRO A 143 -20.38 -13.90 -5.00
C PRO A 143 -21.40 -12.91 -5.51
N ALA A 144 -20.91 -11.69 -5.82
CA ALA A 144 -21.78 -10.63 -6.33
C ALA A 144 -21.37 -10.27 -7.78
N ALA A 145 -20.45 -11.05 -8.33
CA ALA A 145 -20.03 -10.82 -9.73
C ALA A 145 -19.43 -12.12 -10.19
N PRO A 146 -19.36 -12.33 -11.52
CA PRO A 146 -18.86 -13.60 -12.02
C PRO A 146 -17.48 -14.02 -11.55
N LEU A 147 -17.29 -15.32 -11.33
CA LEU A 147 -16.01 -15.88 -10.93
C LEU A 147 -15.18 -16.35 -12.11
N GLU A 148 -13.85 -16.31 -11.99
CA GLU A 148 -12.94 -16.82 -13.04
C GLU A 148 -12.18 -18.00 -12.46
N PRO A 149 -11.41 -18.72 -13.30
CA PRO A 149 -10.56 -19.83 -12.80
C PRO A 149 -9.71 -19.39 -11.65
N GLY A 150 -9.56 -20.27 -10.66
CA GLY A 150 -8.85 -19.86 -9.40
C GLY A 150 -9.81 -19.43 -8.27
N GLU A 151 -11.10 -19.20 -8.60
CA GLU A 151 -12.06 -18.64 -7.62
C GLU A 151 -13.16 -19.67 -7.61
N VAL A 152 -13.73 -19.94 -6.46
CA VAL A 152 -14.81 -20.97 -6.41
C VAL A 152 -15.84 -20.43 -5.44
N ASP A 153 -17.12 -20.72 -5.68
CA ASP A 153 -18.18 -20.32 -4.76
C ASP A 153 -18.06 -21.17 -3.46
N PHE A 154 -18.20 -20.52 -2.30
CA PHE A 154 -18.01 -21.15 -1.00
C PHE A 154 -18.95 -22.33 -0.82
N ALA A 155 -20.24 -22.14 -1.13
CA ALA A 155 -21.19 -23.26 -1.01
C ALA A 155 -20.84 -24.45 -1.91
N GLU A 156 -20.47 -24.18 -3.18
CA GLU A 156 -20.07 -25.28 -4.05
C GLU A 156 -18.79 -25.94 -3.51
N PHE A 157 -17.80 -25.17 -2.96
CA PHE A 157 -16.54 -25.71 -2.46
C PHE A 157 -16.82 -26.68 -1.24
N VAL A 158 -17.60 -26.20 -0.27
CA VAL A 158 -17.98 -26.95 0.91
C VAL A 158 -18.83 -28.19 0.49
N GLY A 159 -19.80 -27.96 -0.37
CA GLY A 159 -20.67 -29.04 -0.89
C GLY A 159 -19.93 -30.18 -1.62
N ALA A 160 -18.79 -29.88 -2.21
CA ALA A 160 -18.09 -30.87 -3.03
C ALA A 160 -17.18 -31.80 -2.23
N HIS A 161 -17.05 -31.62 -0.91
CA HIS A 161 -16.17 -32.47 -0.18
C HIS A 161 -16.89 -33.19 0.96
N ALA A 162 -16.51 -34.46 1.19
CA ALA A 162 -17.08 -35.17 2.38
C ALA A 162 -16.44 -34.61 3.63
N PRO A 163 -17.13 -34.71 4.79
CA PRO A 163 -16.55 -34.06 6.01
C PRO A 163 -15.28 -34.76 6.45
N LEU A 164 -14.29 -33.98 6.93
CA LEU A 164 -13.05 -34.53 7.35
C LEU A 164 -13.36 -35.40 8.53
N GLU A 165 -12.70 -36.55 8.61
CA GLU A 165 -13.08 -37.58 9.61
C GLU A 165 -12.61 -37.35 11.01
N LYS A 166 -11.46 -36.64 11.19
CA LYS A 166 -10.93 -36.34 12.51
C LYS A 166 -10.29 -34.95 12.44
N PRO A 167 -10.27 -34.26 13.55
CA PRO A 167 -9.51 -32.99 13.47
C PRO A 167 -8.02 -33.16 13.52
N ALA A 168 -7.30 -32.09 13.19
CA ALA A 168 -5.86 -32.09 13.31
C ALA A 168 -5.49 -32.26 14.78
N ALA A 169 -4.42 -33.01 15.04
CA ALA A 169 -4.06 -33.40 16.40
C ALA A 169 -3.19 -32.31 16.99
N THR A 170 -3.79 -31.15 17.18
CA THR A 170 -3.04 -30.00 17.69
C THR A 170 -2.84 -30.04 19.18
N GLN A 171 -1.87 -29.25 19.64
CA GLN A 171 -1.67 -29.00 21.05
C GLN A 171 -2.40 -27.73 21.48
N ALA A 172 -2.75 -27.64 22.77
CA ALA A 172 -3.41 -26.43 23.28
C ALA A 172 -2.60 -25.14 22.99
N ASP A 173 -1.26 -25.24 23.08
CA ASP A 173 -0.42 -24.08 22.90
C ASP A 173 0.09 -23.93 21.46
N ASP A 174 -0.48 -24.66 20.52
CA ASP A 174 -0.19 -24.44 19.09
C ASP A 174 -0.99 -23.20 18.60
N PRO A 175 -0.42 -22.45 17.65
CA PRO A 175 -1.19 -21.37 17.02
C PRO A 175 -2.50 -21.95 16.45
N ALA A 176 -3.59 -21.24 16.71
CA ALA A 176 -4.88 -21.60 16.13
C ALA A 176 -5.33 -20.52 15.12
N PHE A 177 -5.17 -19.21 15.44
CA PHE A 177 -5.62 -18.17 14.44
C PHE A 177 -4.88 -16.88 14.72
N TRP A 178 -4.92 -15.95 13.77
CA TRP A 178 -4.33 -14.61 13.98
C TRP A 178 -5.37 -13.53 13.89
N LEU A 179 -5.12 -12.43 14.64
CA LEU A 179 -5.88 -11.20 14.35
C LEU A 179 -4.84 -10.17 14.05
N TYR A 180 -5.19 -9.07 13.40
CA TYR A 180 -4.15 -8.02 13.25
C TYR A 180 -4.42 -6.82 14.16
N SER A 181 -3.41 -6.15 14.67
CA SER A 181 -3.63 -5.00 15.53
C SER A 181 -2.68 -3.90 15.00
N SER A 182 -3.13 -2.67 14.81
CA SER A 182 -2.13 -1.65 14.34
C SER A 182 -1.78 -0.63 15.47
N GLY A 183 -0.53 -0.16 15.52
CA GLY A 183 -0.12 0.93 16.42
C GLY A 183 -0.22 2.28 15.69
N SER A 184 0.41 3.27 16.29
CA SER A 184 0.14 4.66 15.81
C SER A 184 0.90 4.89 14.49
N THR A 185 1.89 4.07 14.21
CA THR A 185 2.65 4.14 12.87
C THR A 185 2.88 2.68 12.47
N GLY A 186 3.36 2.43 11.26
CA GLY A 186 3.83 1.08 10.92
C GLY A 186 2.67 0.22 10.42
N ARG A 187 3.07 -0.97 9.99
CA ARG A 187 2.12 -1.91 9.42
C ARG A 187 1.35 -2.62 10.59
N PRO A 188 0.19 -3.18 10.27
CA PRO A 188 -0.57 -3.99 11.28
C PRO A 188 0.38 -5.13 11.76
N LYS A 189 0.27 -5.49 13.05
CA LYS A 189 1.01 -6.59 13.65
C LYS A 189 0.13 -7.84 13.75
N GLY A 190 0.69 -8.96 13.33
CA GLY A 190 -0.02 -10.32 13.33
C GLY A 190 -0.02 -10.86 14.78
N VAL A 191 -1.15 -10.75 15.49
CA VAL A 191 -1.27 -11.29 16.87
C VAL A 191 -1.60 -12.76 16.82
N VAL A 192 -0.70 -13.61 17.35
CA VAL A 192 -0.91 -15.04 17.19
C VAL A 192 -1.57 -15.63 18.40
N HIS A 193 -2.70 -16.28 18.22
CA HIS A 193 -3.40 -16.85 19.36
C HIS A 193 -3.44 -18.34 19.25
N THR A 194 -3.47 -18.98 20.42
CA THR A 194 -3.37 -20.45 20.42
C THR A 194 -4.75 -21.09 20.55
N HIS A 195 -4.83 -22.43 20.45
CA HIS A 195 -6.12 -23.10 20.63
C HIS A 195 -6.65 -22.89 22.05
N ALA A 196 -5.73 -22.82 23.02
CA ALA A 196 -6.21 -22.64 24.45
C ALA A 196 -6.81 -21.21 24.72
N ASN A 197 -6.31 -20.23 24.02
CA ASN A 197 -6.65 -18.83 24.35
C ASN A 197 -8.18 -18.57 24.35
N PRO A 198 -8.88 -18.99 23.28
CA PRO A 198 -10.35 -18.70 23.32
C PRO A 198 -11.14 -19.62 24.22
N TYR A 199 -10.51 -20.72 24.65
CA TYR A 199 -11.18 -21.49 25.73
C TYR A 199 -11.14 -20.66 26.99
N TRP A 200 -9.96 -20.13 27.34
CA TRP A 200 -9.88 -19.31 28.53
C TRP A 200 -10.79 -18.10 28.54
N THR A 201 -10.91 -17.38 27.42
CA THR A 201 -11.71 -16.12 27.48
C THR A 201 -13.18 -16.56 27.53
N SER A 202 -13.52 -17.67 26.90
CA SER A 202 -14.93 -18.07 26.90
C SER A 202 -15.40 -18.59 28.28
N GLU A 203 -14.47 -19.22 29.00
CA GLU A 203 -14.78 -19.78 30.35
C GLU A 203 -14.68 -18.67 31.37
N LEU A 204 -13.62 -17.89 31.37
CA LEU A 204 -13.38 -16.90 32.42
C LEU A 204 -14.33 -15.68 32.32
N TYR A 205 -14.61 -15.24 31.04
CA TYR A 205 -15.41 -14.04 30.80
C TYR A 205 -16.80 -14.47 30.34
N GLY A 206 -16.89 -15.20 29.23
CA GLY A 206 -18.29 -15.40 28.75
C GLY A 206 -19.12 -16.24 29.73
N ARG A 207 -18.53 -17.33 30.26
CA ARG A 207 -19.35 -18.18 31.19
C ARG A 207 -19.32 -17.60 32.59
N ASN A 208 -18.13 -17.33 33.07
CA ASN A 208 -18.00 -17.07 34.55
C ASN A 208 -18.16 -15.61 34.96
N THR A 209 -18.15 -14.69 34.00
CA THR A 209 -18.34 -13.28 34.37
C THR A 209 -19.74 -12.82 33.83
N LEU A 210 -19.98 -13.06 32.55
CA LEU A 210 -21.30 -12.63 31.98
C LEU A 210 -22.47 -13.62 32.31
N HIS A 211 -22.09 -14.89 32.67
CA HIS A 211 -23.09 -15.97 32.89
C HIS A 211 -23.98 -16.13 31.70
N LEU A 212 -23.38 -16.18 30.49
CA LEU A 212 -24.15 -16.57 29.28
C LEU A 212 -24.69 -17.99 29.41
N ARG A 213 -25.84 -18.25 28.85
CA ARG A 213 -26.41 -19.55 29.00
C ARG A 213 -27.04 -20.01 27.71
N GLU A 214 -27.43 -21.28 27.74
CA GLU A 214 -27.98 -21.92 26.54
C GLU A 214 -29.15 -21.21 25.92
N ASP A 215 -30.11 -20.70 26.76
CA ASP A 215 -31.27 -20.05 26.16
C ASP A 215 -31.08 -18.61 25.74
N ASP A 216 -29.85 -18.09 25.80
CA ASP A 216 -29.59 -16.77 25.30
C ASP A 216 -29.59 -16.69 23.77
N VAL A 217 -29.91 -15.49 23.26
CA VAL A 217 -29.78 -15.13 21.86
C VAL A 217 -28.79 -13.96 21.87
N CYS A 218 -27.58 -14.18 21.34
CA CYS A 218 -26.51 -13.18 21.43
C CYS A 218 -26.52 -12.34 20.15
N PHE A 219 -26.18 -11.05 20.23
CA PHE A 219 -26.15 -10.20 19.01
C PHE A 219 -25.12 -9.14 19.30
N SER A 220 -24.07 -9.05 18.46
CA SER A 220 -22.97 -8.12 18.77
C SER A 220 -22.88 -7.11 17.59
N ALA A 221 -23.00 -5.85 17.91
CA ALA A 221 -22.74 -4.78 16.91
C ALA A 221 -21.25 -4.86 16.49
N ALA A 222 -20.37 -5.30 17.41
CA ALA A 222 -18.95 -5.50 17.03
C ALA A 222 -18.86 -6.76 16.19
N LYS A 223 -18.35 -6.59 14.97
CA LYS A 223 -18.09 -7.69 14.02
C LYS A 223 -17.20 -8.81 14.55
N LEU A 224 -17.31 -9.96 13.90
CA LEU A 224 -16.62 -11.17 14.33
C LEU A 224 -15.10 -10.99 14.17
N PHE A 225 -14.65 -10.16 13.23
CA PHE A 225 -13.19 -10.00 13.12
C PHE A 225 -12.53 -9.24 14.26
N PHE A 226 -13.33 -8.47 15.04
CA PHE A 226 -12.76 -7.82 16.23
C PHE A 226 -12.65 -8.91 17.31
N ALA A 227 -11.55 -8.86 18.07
CA ALA A 227 -11.44 -9.77 19.20
C ALA A 227 -12.71 -9.70 20.04
N TYR A 228 -13.21 -8.48 20.27
CA TYR A 228 -14.41 -8.38 21.18
C TYR A 228 -15.53 -9.17 20.55
N GLY A 229 -15.80 -8.94 19.26
CA GLY A 229 -16.96 -9.61 18.65
C GLY A 229 -16.74 -11.12 18.40
N LEU A 230 -15.51 -11.56 18.14
CA LEU A 230 -15.23 -12.99 17.96
C LEU A 230 -15.62 -13.72 19.25
N GLY A 231 -15.37 -13.10 20.43
CA GLY A 231 -15.82 -13.80 21.68
C GLY A 231 -17.32 -13.62 21.80
N ASN A 232 -17.80 -12.40 21.64
CA ASN A 232 -19.29 -12.16 21.87
C ASN A 232 -20.19 -13.05 21.06
N ALA A 233 -19.83 -13.26 19.81
CA ALA A 233 -20.81 -13.78 18.88
C ALA A 233 -20.26 -15.05 18.22
N LEU A 234 -19.21 -15.65 18.79
CA LEU A 234 -18.83 -16.97 18.29
C LEU A 234 -18.32 -17.79 19.47
N THR A 235 -17.19 -17.42 20.05
CA THR A 235 -16.63 -18.40 21.01
C THR A 235 -17.49 -18.50 22.31
N PHE A 236 -17.95 -17.36 22.81
CA PHE A 236 -18.82 -17.38 24.00
C PHE A 236 -20.15 -18.15 23.80
N PRO A 237 -20.94 -17.83 22.73
CA PRO A 237 -22.21 -18.51 22.65
C PRO A 237 -22.02 -20.00 22.28
N MET A 238 -20.94 -20.36 21.52
CA MET A 238 -20.77 -21.77 21.20
C MET A 238 -20.33 -22.51 22.44
N THR A 239 -19.67 -21.82 23.39
CA THR A 239 -19.26 -22.50 24.62
C THR A 239 -20.44 -22.99 25.51
N VAL A 240 -21.56 -22.26 25.50
CA VAL A 240 -22.71 -22.58 26.36
C VAL A 240 -23.94 -23.02 25.59
N GLY A 241 -23.81 -23.09 24.29
CA GLY A 241 -24.92 -23.49 23.36
C GLY A 241 -25.99 -22.46 23.09
N ALA A 242 -25.68 -21.18 23.32
CA ALA A 242 -26.58 -20.08 22.90
C ALA A 242 -26.75 -19.96 21.40
N THR A 243 -27.86 -19.37 20.95
CA THR A 243 -28.09 -19.01 19.55
C THR A 243 -27.55 -17.62 19.27
N THR A 244 -26.89 -17.46 18.11
CA THR A 244 -26.34 -16.15 17.77
C THR A 244 -26.94 -15.59 16.51
N LEU A 245 -27.29 -14.31 16.58
CA LEU A 245 -27.78 -13.52 15.44
C LEU A 245 -26.60 -12.79 14.84
N LEU A 246 -26.47 -12.88 13.52
CA LEU A 246 -25.36 -12.20 12.81
C LEU A 246 -26.01 -11.24 11.79
N MET A 247 -25.33 -10.10 11.58
CA MET A 247 -25.80 -9.07 10.66
C MET A 247 -24.66 -8.58 9.78
N GLY A 248 -24.78 -8.73 8.45
CA GLY A 248 -23.74 -8.22 7.52
C GLY A 248 -23.53 -6.71 7.52
N GLU A 249 -24.66 -5.96 7.63
CA GLU A 249 -24.63 -4.53 7.37
C GLU A 249 -24.06 -3.71 8.52
N ARG A 250 -23.79 -2.42 8.24
CA ARG A 250 -23.31 -1.51 9.27
C ARG A 250 -24.31 -1.39 10.45
N PRO A 251 -23.81 -1.43 11.73
CA PRO A 251 -24.69 -1.41 12.86
C PRO A 251 -25.22 -0.01 13.24
N THR A 252 -26.08 0.57 12.40
CA THR A 252 -26.79 1.82 12.79
C THR A 252 -27.84 1.58 13.84
N PRO A 253 -28.33 2.67 14.51
CA PRO A 253 -29.41 2.41 15.46
C PRO A 253 -30.60 1.67 14.85
N ASP A 254 -31.02 2.07 13.64
CA ASP A 254 -32.13 1.39 13.02
C ASP A 254 -31.89 -0.09 12.72
N ALA A 255 -30.68 -0.45 12.26
CA ALA A 255 -30.38 -1.86 11.94
C ALA A 255 -30.38 -2.64 13.25
N VAL A 256 -29.79 -2.06 14.32
CA VAL A 256 -29.75 -2.80 15.59
C VAL A 256 -31.20 -2.90 16.14
N PHE A 257 -31.98 -1.84 16.04
CA PHE A 257 -33.34 -1.96 16.65
C PHE A 257 -34.20 -2.97 15.92
N LYS A 258 -34.08 -3.08 14.60
CA LYS A 258 -34.84 -4.08 13.84
C LYS A 258 -34.59 -5.48 14.43
N ARG A 259 -33.33 -5.75 14.80
CA ARG A 259 -32.91 -7.06 15.30
C ARG A 259 -33.36 -7.20 16.76
N TRP A 260 -33.21 -6.13 17.56
CA TRP A 260 -33.70 -6.20 18.96
C TRP A 260 -35.21 -6.57 18.99
N LEU A 261 -35.92 -6.09 17.98
CA LEU A 261 -37.42 -6.25 17.95
C LEU A 261 -37.83 -7.56 17.31
N GLY A 262 -36.86 -8.35 16.86
CA GLY A 262 -37.17 -9.71 16.38
C GLY A 262 -37.49 -9.73 14.92
N GLY A 263 -37.02 -8.72 14.19
CA GLY A 263 -37.24 -8.63 12.77
C GLY A 263 -36.47 -9.61 11.87
N VAL A 264 -35.51 -10.34 12.44
CA VAL A 264 -34.76 -11.38 11.69
C VAL A 264 -34.79 -12.75 12.43
N GLY A 265 -35.01 -13.82 11.66
CA GLY A 265 -34.84 -15.16 12.15
C GLY A 265 -35.83 -15.58 13.20
N GLY A 266 -36.85 -14.75 13.43
CA GLY A 266 -37.86 -15.00 14.44
C GLY A 266 -37.33 -15.06 15.87
N VAL A 267 -36.22 -14.34 16.14
CA VAL A 267 -35.56 -14.35 17.43
C VAL A 267 -35.30 -12.92 17.91
N LYS A 268 -35.43 -12.73 19.22
CA LYS A 268 -35.12 -11.47 19.83
C LYS A 268 -33.90 -11.72 20.67
N PRO A 269 -32.84 -10.94 20.44
CA PRO A 269 -31.60 -10.98 21.26
C PRO A 269 -31.89 -10.77 22.78
N THR A 270 -31.23 -11.58 23.62
CA THR A 270 -31.22 -11.32 25.07
C THR A 270 -29.92 -10.74 25.54
N VAL A 271 -28.88 -10.84 24.70
CA VAL A 271 -27.60 -10.21 25.12
C VAL A 271 -27.14 -9.39 23.98
N PHE A 272 -26.77 -8.15 24.26
CA PHE A 272 -26.33 -7.23 23.21
C PHE A 272 -24.98 -6.72 23.58
N TYR A 273 -24.11 -6.57 22.57
CA TYR A 273 -22.77 -6.01 22.85
C TYR A 273 -22.50 -4.90 21.83
N GLY A 274 -21.80 -3.85 22.26
CA GLY A 274 -21.41 -2.80 21.25
C GLY A 274 -20.52 -1.80 21.96
N ALA A 275 -20.23 -0.70 21.26
CA ALA A 275 -19.41 0.38 21.78
C ALA A 275 -20.23 1.53 22.39
N PRO A 276 -19.66 2.25 23.37
CA PRO A 276 -20.32 3.42 23.97
C PRO A 276 -20.84 4.41 22.88
N THR A 277 -20.08 4.63 21.82
CA THR A 277 -20.62 5.48 20.69
C THR A 277 -21.95 4.94 20.19
N GLY A 278 -22.06 3.61 20.09
CA GLY A 278 -23.33 3.00 19.49
C GLY A 278 -24.46 3.21 20.52
N TYR A 279 -24.17 2.94 21.79
CA TYR A 279 -25.16 3.14 22.82
C TYR A 279 -25.62 4.61 22.82
N ALA A 280 -24.68 5.54 22.75
CA ALA A 280 -25.11 6.99 22.64
C ALA A 280 -25.99 7.29 21.43
N GLY A 281 -25.60 6.80 20.24
CA GLY A 281 -26.38 6.95 18.99
C GLY A 281 -27.77 6.34 19.17
N MET A 282 -27.85 5.14 19.78
CA MET A 282 -29.18 4.60 20.05
C MET A 282 -30.05 5.43 21.01
N LEU A 283 -29.49 5.89 22.13
CA LEU A 283 -30.22 6.59 23.14
C LEU A 283 -30.72 7.93 22.51
N ALA A 284 -30.02 8.39 21.49
CA ALA A 284 -30.45 9.67 20.79
C ALA A 284 -31.52 9.46 19.74
N ALA A 285 -31.76 8.23 19.32
CA ALA A 285 -32.67 7.93 18.22
C ALA A 285 -34.10 8.17 18.67
N PRO A 286 -34.87 8.92 17.84
CA PRO A 286 -36.29 9.13 18.18
C PRO A 286 -37.08 7.85 18.30
N ASN A 287 -36.71 6.80 17.60
CA ASN A 287 -37.45 5.55 17.63
C ASN A 287 -36.76 4.44 18.50
N LEU A 288 -36.04 4.87 19.50
CA LEU A 288 -35.48 3.94 20.51
C LEU A 288 -36.64 3.09 21.01
N PRO A 289 -36.50 1.73 21.00
CA PRO A 289 -37.61 0.92 21.47
C PRO A 289 -37.88 1.14 22.96
N SER A 290 -39.13 0.93 23.37
CA SER A 290 -39.41 0.99 24.78
C SER A 290 -39.03 -0.38 25.44
N ARG A 291 -38.93 -0.40 26.76
CA ARG A 291 -38.48 -1.65 27.36
C ARG A 291 -39.33 -2.87 27.22
N ASP A 292 -40.63 -2.71 26.97
CA ASP A 292 -41.48 -3.89 26.85
C ASP A 292 -41.43 -4.41 25.44
N GLN A 293 -40.73 -3.73 24.52
CA GLN A 293 -40.64 -4.29 23.18
C GLN A 293 -39.40 -5.19 22.97
N VAL A 294 -38.48 -5.19 23.93
CA VAL A 294 -37.20 -5.95 23.74
C VAL A 294 -37.06 -7.06 24.76
N ALA A 295 -36.18 -8.04 24.48
CA ALA A 295 -35.98 -9.16 25.36
C ALA A 295 -34.56 -9.10 26.00
N LEU A 296 -33.89 -7.96 25.90
CA LEU A 296 -32.52 -7.85 26.44
C LEU A 296 -32.47 -8.09 27.93
N ARG A 297 -31.51 -8.90 28.37
CA ARG A 297 -31.29 -9.07 29.80
C ARG A 297 -29.91 -8.64 30.15
N LEU A 298 -29.06 -8.36 29.12
CA LEU A 298 -27.63 -8.03 29.49
C LEU A 298 -27.09 -7.18 28.34
N ALA A 299 -26.38 -6.12 28.68
CA ALA A 299 -25.89 -5.21 27.62
C ALA A 299 -24.40 -5.03 27.95
N SER A 300 -23.52 -5.46 27.00
CA SER A 300 -22.08 -5.40 27.32
C SER A 300 -21.53 -4.20 26.49
N SER A 301 -20.47 -3.51 26.94
CA SER A 301 -19.83 -2.47 26.21
CA SER A 301 -19.79 -2.49 26.11
C SER A 301 -18.29 -2.62 26.25
N ALA A 302 -17.61 -2.35 25.14
CA ALA A 302 -16.17 -2.19 25.21
C ALA A 302 -15.79 -1.39 24.00
N GLY A 303 -14.53 -0.95 23.99
CA GLY A 303 -14.01 -0.37 22.75
C GLY A 303 -13.59 1.10 23.02
N GLU A 304 -14.16 1.70 24.02
CA GLU A 304 -13.73 3.01 24.52
C GLU A 304 -14.38 3.09 25.91
N ALA A 305 -13.86 3.97 26.76
CA ALA A 305 -14.44 4.07 28.10
C ALA A 305 -15.91 4.55 27.96
N LEU A 306 -16.79 3.91 28.74
CA LEU A 306 -18.23 4.29 28.74
C LEU A 306 -18.40 5.58 29.64
N PRO A 307 -18.83 6.73 29.03
CA PRO A 307 -19.18 7.90 29.87
C PRO A 307 -20.32 7.48 30.82
N ALA A 308 -20.25 7.92 32.09
CA ALA A 308 -21.24 7.55 33.12
C ALA A 308 -22.61 7.90 32.70
N GLU A 309 -22.79 9.06 32.04
CA GLU A 309 -24.17 9.45 31.72
C GLU A 309 -24.88 8.50 30.71
N ILE A 310 -24.07 7.84 29.85
CA ILE A 310 -24.65 6.95 28.84
C ILE A 310 -25.18 5.71 29.54
N GLY A 311 -24.35 5.14 30.44
CA GLY A 311 -24.81 4.01 31.27
C GLY A 311 -26.06 4.39 32.05
N GLN A 312 -26.03 5.55 32.71
CA GLN A 312 -27.19 5.96 33.60
C GLN A 312 -28.45 6.19 32.74
N ARG A 313 -28.30 6.81 31.57
CA ARG A 313 -29.49 7.00 30.73
C ARG A 313 -30.05 5.69 30.18
N PHE A 314 -29.15 4.76 29.84
CA PHE A 314 -29.59 3.46 29.33
C PHE A 314 -30.33 2.71 30.48
N GLN A 315 -29.79 2.81 31.71
CA GLN A 315 -30.40 2.11 32.84
C GLN A 315 -31.78 2.74 33.13
N ARG A 316 -31.84 4.08 33.10
CA ARG A 316 -33.16 4.79 33.33
C ARG A 316 -34.20 4.37 32.30
N HIS A 317 -33.76 4.16 31.07
CA HIS A 317 -34.71 3.87 29.98
C HIS A 317 -35.10 2.41 29.95
N PHE A 318 -34.07 1.56 29.99
CA PHE A 318 -34.31 0.11 29.88
C PHE A 318 -34.44 -0.68 31.18
N GLY A 319 -34.00 -0.10 32.25
CA GLY A 319 -33.89 -0.89 33.49
C GLY A 319 -32.74 -1.91 33.47
N LEU A 320 -31.76 -1.68 32.61
CA LEU A 320 -30.57 -2.56 32.48
C LEU A 320 -29.37 -1.68 32.55
N ASP A 321 -28.33 -2.11 33.27
CA ASP A 321 -27.07 -1.36 33.22
C ASP A 321 -26.27 -1.75 31.97
N ILE A 322 -25.29 -0.91 31.62
CA ILE A 322 -24.43 -1.31 30.51
C ILE A 322 -23.18 -1.83 31.25
N VAL A 323 -22.67 -3.00 30.90
CA VAL A 323 -21.53 -3.56 31.63
C VAL A 323 -20.28 -3.32 30.83
N ASP A 324 -19.50 -2.32 31.24
CA ASP A 324 -18.30 -1.83 30.52
C ASP A 324 -17.13 -2.68 30.98
N GLY A 325 -16.34 -3.22 30.05
CA GLY A 325 -15.09 -3.95 30.42
C GLY A 325 -14.07 -3.53 29.34
N ILE A 326 -12.80 -3.83 29.62
CA ILE A 326 -11.71 -3.56 28.65
C ILE A 326 -10.98 -4.88 28.42
N GLY A 327 -10.71 -5.15 27.14
CA GLY A 327 -9.79 -6.17 26.69
C GLY A 327 -8.78 -5.64 25.68
N SER A 328 -8.14 -6.53 24.94
CA SER A 328 -7.24 -6.03 23.89
C SER A 328 -7.12 -7.17 22.92
N THR A 329 -6.69 -6.83 21.68
CA THR A 329 -6.40 -7.92 20.73
C THR A 329 -5.41 -8.89 21.26
N GLU A 330 -4.37 -8.37 21.92
CA GLU A 330 -3.32 -9.29 22.45
C GLU A 330 -3.80 -10.21 23.58
N MET A 331 -4.70 -9.71 24.44
CA MET A 331 -5.29 -10.60 25.51
C MET A 331 -6.53 -11.36 25.08
N LEU A 332 -6.96 -11.14 23.82
CA LEU A 332 -8.09 -11.81 23.18
C LEU A 332 -9.45 -11.35 23.65
N HIS A 333 -9.63 -11.19 24.95
CA HIS A 333 -10.95 -10.55 25.35
C HIS A 333 -10.76 -9.82 26.67
N ILE A 334 -11.83 -9.68 27.44
CA ILE A 334 -11.88 -8.71 28.52
C ILE A 334 -11.23 -9.26 29.79
N PHE A 335 -10.38 -8.44 30.39
CA PHE A 335 -9.65 -8.87 31.59
C PHE A 335 -9.95 -7.95 32.80
N LEU A 336 -10.68 -6.87 32.58
CA LEU A 336 -10.96 -5.89 33.67
C LEU A 336 -12.36 -5.38 33.38
N SER A 337 -13.33 -5.59 34.30
CA SER A 337 -14.72 -5.38 33.86
C SER A 337 -15.60 -5.13 35.05
N ASN A 338 -16.63 -4.31 34.82
CA ASN A 338 -17.84 -4.35 35.66
C ASN A 338 -18.53 -5.73 35.58
N LEU A 339 -19.44 -6.04 36.54
CA LEU A 339 -20.14 -7.33 36.55
C LEU A 339 -21.60 -7.00 36.24
N PRO A 340 -22.36 -8.00 35.75
CA PRO A 340 -23.75 -7.79 35.45
C PRO A 340 -24.51 -7.25 36.68
N ASP A 341 -24.11 -7.66 37.88
CA ASP A 341 -24.82 -7.18 39.06
C ASP A 341 -23.99 -6.23 39.90
N ARG A 342 -22.91 -5.71 39.32
CA ARG A 342 -22.09 -4.80 40.11
C ARG A 342 -21.43 -3.86 39.14
N VAL A 343 -22.04 -2.71 38.95
CA VAL A 343 -21.54 -1.72 37.93
C VAL A 343 -21.19 -0.45 38.69
N ARG A 344 -19.97 0.07 38.49
CA ARG A 344 -19.64 1.41 38.99
C ARG A 344 -19.29 2.30 37.79
N TYR A 345 -20.25 3.13 37.40
CA TYR A 345 -20.04 3.99 36.25
C TYR A 345 -18.92 5.00 36.57
N GLY A 346 -18.15 5.38 35.55
CA GLY A 346 -16.91 6.14 35.71
C GLY A 346 -15.72 5.27 36.02
N THR A 347 -15.92 3.94 36.01
CA THR A 347 -14.80 3.00 36.17
C THR A 347 -14.97 1.85 35.21
N THR A 348 -13.88 1.11 34.99
CA THR A 348 -14.01 -0.16 34.25
C THR A 348 -14.10 -1.39 35.17
N GLY A 349 -14.57 -1.17 36.40
CA GLY A 349 -14.74 -2.29 37.34
C GLY A 349 -13.44 -2.92 37.85
N TRP A 350 -13.46 -4.25 37.95
CA TRP A 350 -12.52 -5.04 38.82
C TRP A 350 -11.84 -6.08 37.91
N PRO A 351 -10.66 -6.51 38.32
CA PRO A 351 -10.00 -7.57 37.50
C PRO A 351 -10.89 -8.80 37.32
N VAL A 352 -10.90 -9.37 36.12
CA VAL A 352 -11.66 -10.62 35.88
C VAL A 352 -10.90 -11.78 36.55
N PRO A 353 -11.59 -12.56 37.40
CA PRO A 353 -10.83 -13.72 38.04
C PRO A 353 -10.13 -14.59 36.99
N GLY A 354 -8.87 -14.94 37.24
CA GLY A 354 -8.11 -15.63 36.22
C GLY A 354 -7.03 -14.71 35.66
N TYR A 355 -7.23 -13.40 35.75
CA TYR A 355 -6.24 -12.39 35.26
C TYR A 355 -5.67 -11.56 36.41
N GLN A 356 -4.38 -11.22 36.34
CA GLN A 356 -3.77 -10.36 37.37
C GLN A 356 -3.50 -9.06 36.63
N ILE A 357 -3.76 -7.94 37.29
CA ILE A 357 -3.55 -6.62 36.67
C ILE A 357 -2.46 -5.92 37.51
N GLU A 358 -1.49 -5.25 36.87
CA GLU A 358 -0.54 -4.37 37.64
C GLU A 358 -0.51 -2.99 36.99
N LEU A 359 -0.34 -1.91 37.76
CA LEU A 359 -0.11 -0.57 37.21
C LEU A 359 1.39 -0.28 37.47
N ARG A 360 2.12 0.07 36.43
CA ARG A 360 3.60 0.33 36.59
C ARG A 360 3.91 1.79 36.25
N GLY A 361 4.77 2.43 37.06
CA GLY A 361 5.16 3.82 36.83
C GLY A 361 6.32 3.94 35.87
N ASP A 362 6.88 5.14 35.82
CA ASP A 362 7.98 5.46 34.88
C ASP A 362 9.22 4.56 34.97
N GLY A 363 9.55 3.98 36.12
CA GLY A 363 10.61 2.94 36.05
C GLY A 363 10.19 1.52 36.22
N GLY A 364 8.90 1.23 35.99
CA GLY A 364 8.39 -0.12 36.31
C GLY A 364 7.98 -0.30 37.78
N GLY A 365 8.09 0.74 38.60
CA GLY A 365 7.76 0.62 40.03
C GLY A 365 6.25 0.61 40.29
N PRO A 366 5.87 0.32 41.57
CA PRO A 366 4.57 0.52 42.23
C PRO A 366 3.97 1.91 42.05
N VAL A 367 2.63 2.04 41.88
CA VAL A 367 2.05 3.31 41.99
C VAL A 367 1.09 3.31 43.19
N ALA A 368 1.11 4.39 43.95
CA ALA A 368 0.15 4.57 45.03
C ALA A 368 -1.29 4.55 44.43
N ASP A 369 -2.25 4.00 45.18
CA ASP A 369 -3.63 4.11 44.83
C ASP A 369 -4.02 5.55 44.58
N GLY A 370 -4.70 5.79 43.45
CA GLY A 370 -5.09 7.10 43.03
C GLY A 370 -4.09 7.76 42.09
N GLU A 371 -2.92 7.16 41.92
CA GLU A 371 -1.93 7.70 40.97
C GLU A 371 -2.07 6.85 39.64
N PRO A 372 -1.90 7.47 38.50
CA PRO A 372 -2.03 6.68 37.24
C PRO A 372 -0.77 5.80 36.98
N GLY A 373 -0.95 4.61 36.44
CA GLY A 373 0.21 3.83 35.99
C GLY A 373 -0.12 3.17 34.65
N ASP A 374 0.90 2.65 33.99
CA ASP A 374 0.67 1.85 32.76
C ASP A 374 0.09 0.48 33.09
N LEU A 375 -0.90 0.04 32.33
CA LEU A 375 -1.61 -1.20 32.68
C LEU A 375 -0.93 -2.43 32.02
N TYR A 376 -0.61 -3.45 32.85
CA TYR A 376 -0.03 -4.69 32.41
C TYR A 376 -0.91 -5.80 32.87
N ILE A 377 -1.04 -6.85 32.04
CA ILE A 377 -1.94 -7.92 32.34
C ILE A 377 -1.23 -9.27 32.33
N HIS A 378 -1.53 -10.12 33.32
CA HIS A 378 -1.01 -11.47 33.27
C HIS A 378 -2.19 -12.44 33.20
N GLY A 379 -2.34 -13.19 32.14
CA GLY A 379 -3.51 -14.11 32.17
C GLY A 379 -3.31 -15.14 31.10
N PRO A 380 -4.17 -16.15 31.08
CA PRO A 380 -3.86 -17.32 30.26
C PRO A 380 -4.36 -17.22 28.82
N SER A 381 -4.97 -16.09 28.41
CA SER A 381 -5.38 -16.02 27.00
C SER A 381 -4.44 -15.12 26.22
N SER A 382 -3.25 -14.78 26.75
CA SER A 382 -2.42 -13.81 26.08
C SER A 382 -1.83 -14.43 24.80
N ALA A 383 -1.72 -13.65 23.71
CA ALA A 383 -1.03 -14.03 22.46
C ALA A 383 0.40 -14.32 22.79
N THR A 384 1.06 -15.08 21.88
CA THR A 384 2.45 -15.50 22.10
C THR A 384 3.48 -14.49 21.60
N MET A 385 3.06 -13.71 20.61
CA MET A 385 4.05 -12.88 19.93
C MET A 385 3.26 -12.09 18.89
N TYR A 386 3.94 -11.13 18.28
CA TYR A 386 3.53 -10.63 16.96
C TYR A 386 4.36 -11.35 15.91
N TRP A 387 3.74 -12.02 14.96
CA TRP A 387 4.45 -12.86 14.01
C TRP A 387 5.49 -12.07 13.21
N GLY A 388 6.72 -12.57 13.20
CA GLY A 388 7.75 -11.88 12.42
C GLY A 388 8.15 -10.49 12.94
N ASN A 389 7.79 -10.11 14.15
CA ASN A 389 8.29 -8.83 14.68
C ASN A 389 8.82 -9.05 16.10
N ARG A 390 10.09 -9.33 16.20
CA ARG A 390 10.71 -9.62 17.49
C ARG A 390 10.80 -8.37 18.36
N ALA A 391 11.14 -7.25 17.76
CA ALA A 391 11.28 -5.98 18.48
C ALA A 391 9.97 -5.53 19.23
N LYS A 392 8.89 -5.53 18.45
CA LYS A 392 7.56 -5.20 19.02
C LYS A 392 7.07 -6.25 19.92
N SER A 393 7.38 -7.54 19.69
CA SER A 393 7.00 -8.65 20.61
C SER A 393 7.72 -8.42 21.96
N ARG A 394 9.03 -8.15 21.90
CA ARG A 394 9.77 -7.86 23.18
C ARG A 394 9.15 -6.70 23.95
N ASP A 395 8.71 -5.65 23.27
CA ASP A 395 8.08 -4.51 23.91
C ASP A 395 6.74 -4.84 24.61
N THR A 396 5.91 -5.69 23.99
CA THR A 396 4.53 -5.89 24.49
C THR A 396 4.45 -7.12 25.41
N PHE A 397 5.21 -8.19 25.13
CA PHE A 397 5.04 -9.46 25.84
C PHE A 397 6.27 -9.64 26.70
N GLN A 398 6.15 -9.18 27.94
CA GLN A 398 7.31 -8.91 28.84
C GLN A 398 7.27 -10.01 29.88
N GLY A 399 7.88 -11.12 29.54
CA GLY A 399 7.89 -12.30 30.44
C GLY A 399 6.61 -12.69 31.17
N GLY A 400 5.53 -12.95 30.45
CA GLY A 400 4.30 -13.39 31.14
C GLY A 400 3.30 -12.26 31.31
N TRP A 401 3.80 -11.04 31.23
CA TRP A 401 2.96 -9.84 31.33
C TRP A 401 2.76 -9.21 29.96
N THR A 402 1.54 -8.68 29.70
CA THR A 402 1.27 -8.07 28.41
C THR A 402 0.98 -6.61 28.64
N LYS A 403 1.71 -5.75 27.97
CA LYS A 403 1.50 -4.32 28.13
C LYS A 403 0.29 -3.89 27.28
N SER A 404 -0.69 -3.15 27.83
CA SER A 404 -1.83 -2.83 26.96
C SER A 404 -1.72 -1.50 26.20
N GLY A 405 -0.87 -0.62 26.69
CA GLY A 405 -0.82 0.73 26.10
C GLY A 405 -1.81 1.69 26.76
N ASP A 406 -2.59 1.20 27.75
CA ASP A 406 -3.53 2.05 28.44
C ASP A 406 -2.84 2.50 29.78
N LYS A 407 -3.25 3.65 30.33
CA LYS A 407 -2.96 4.07 31.75
C LYS A 407 -4.29 4.01 32.52
N TYR A 408 -4.20 3.64 33.80
CA TYR A 408 -5.36 3.47 34.66
C TYR A 408 -4.96 3.93 36.10
N VAL A 409 -5.97 4.22 36.94
CA VAL A 409 -5.82 4.61 38.36
C VAL A 409 -6.61 3.59 39.12
N ARG A 410 -6.02 3.03 40.19
CA ARG A 410 -6.83 2.13 41.00
C ARG A 410 -7.50 2.91 42.13
N ASN A 411 -8.81 2.70 42.24
CA ASN A 411 -9.63 3.32 43.30
C ASN A 411 -9.61 2.59 44.63
N ASP A 412 -10.04 3.27 45.71
CA ASP A 412 -10.14 2.66 47.06
C ASP A 412 -11.04 1.43 47.19
N ASP A 413 -11.95 1.24 46.24
CA ASP A 413 -12.73 0.00 46.29
C ASP A 413 -12.20 -1.10 45.33
N GLY A 414 -10.99 -0.91 44.80
CA GLY A 414 -10.31 -1.93 44.01
C GLY A 414 -10.75 -1.82 42.55
N SER A 415 -11.67 -0.90 42.25
CA SER A 415 -12.04 -0.69 40.82
C SER A 415 -10.94 0.15 40.13
N TYR A 416 -11.01 0.19 38.81
CA TYR A 416 -9.99 0.91 38.00
C TYR A 416 -10.60 1.92 37.04
N THR A 417 -10.03 3.12 36.96
CA THR A 417 -10.59 4.20 36.14
C THR A 417 -9.59 4.56 35.09
N TYR A 418 -10.06 4.59 33.84
CA TYR A 418 -9.16 4.83 32.67
C TYR A 418 -8.50 6.22 32.77
N ALA A 419 -7.22 6.27 32.42
CA ALA A 419 -6.43 7.49 32.57
C ALA A 419 -5.73 7.85 31.25
N GLY A 420 -6.07 7.24 30.12
CA GLY A 420 -5.42 7.70 28.88
C GLY A 420 -4.55 6.62 28.26
N ARG A 421 -3.82 6.98 27.19
CA ARG A 421 -2.99 6.03 26.44
C ARG A 421 -1.54 6.33 26.68
N THR A 422 -0.69 5.34 26.45
CA THR A 422 0.77 5.59 26.51
C THR A 422 1.32 5.89 25.11
N ASP A 423 0.49 5.79 24.06
CA ASP A 423 1.01 5.87 22.67
C ASP A 423 0.23 6.66 21.62
N ASP A 424 -0.31 7.82 21.92
CA ASP A 424 -0.99 8.64 20.87
C ASP A 424 -2.24 8.08 20.18
N MET A 425 -2.60 6.81 20.37
CA MET A 425 -3.79 6.30 19.64
C MET A 425 -5.02 6.91 20.24
N LEU A 426 -6.04 7.05 19.38
CA LEU A 426 -7.38 7.44 19.80
C LEU A 426 -8.26 6.22 19.71
N LYS A 427 -9.28 6.18 20.57
CA LYS A 427 -10.32 5.12 20.46
C LYS A 427 -11.55 5.86 20.09
N VAL A 428 -12.01 5.71 18.85
CA VAL A 428 -13.12 6.57 18.32
C VAL A 428 -14.18 5.56 17.87
N SER A 429 -15.45 5.79 18.24
CA SER A 429 -16.50 4.76 17.88
C SER A 429 -16.03 3.43 18.36
N GLY A 430 -15.24 3.47 19.42
CA GLY A 430 -14.70 2.25 20.06
C GLY A 430 -13.79 1.43 19.15
N ILE A 431 -13.05 2.09 18.21
CA ILE A 431 -12.04 1.40 17.31
C ILE A 431 -10.71 2.22 17.33
N TYR A 432 -9.53 1.59 17.25
CA TYR A 432 -8.24 2.36 17.31
C TYR A 432 -8.08 3.22 16.05
N VAL A 433 -7.66 4.50 16.21
CA VAL A 433 -7.43 5.40 15.05
C VAL A 433 -6.13 6.12 15.39
N SER A 434 -5.19 6.19 14.43
CA SER A 434 -3.92 6.88 14.68
C SER A 434 -4.14 8.30 14.22
N PRO A 435 -3.94 9.26 15.12
CA PRO A 435 -3.97 10.65 14.60
C PRO A 435 -2.97 10.90 13.44
N PHE A 436 -1.83 10.19 13.46
CA PHE A 436 -0.80 10.42 12.43
C PHE A 436 -1.30 9.94 11.06
N GLU A 437 -2.17 8.95 11.04
CA GLU A 437 -2.77 8.55 9.76
C GLU A 437 -3.65 9.63 9.23
N ILE A 438 -4.45 10.26 10.12
CA ILE A 438 -5.39 11.27 9.63
C ILE A 438 -4.51 12.50 9.14
N GLU A 439 -3.46 12.84 9.89
CA GLU A 439 -2.63 13.98 9.50
C GLU A 439 -1.91 13.72 8.13
N ALA A 440 -1.49 12.48 7.92
CA ALA A 440 -0.81 12.07 6.63
C ALA A 440 -1.80 12.24 5.47
N THR A 441 -3.08 11.99 5.71
CA THR A 441 -4.07 12.21 4.68
C THR A 441 -4.28 13.70 4.40
N LEU A 442 -4.49 14.48 5.47
CA LEU A 442 -4.74 15.91 5.32
C LEU A 442 -3.59 16.63 4.58
N VAL A 443 -2.34 16.31 4.87
CA VAL A 443 -1.22 17.08 4.34
CA VAL A 443 -1.27 17.13 4.35
C VAL A 443 -1.06 16.73 2.85
N GLN A 444 -1.71 15.67 2.39
CA GLN A 444 -1.63 15.43 0.90
C GLN A 444 -2.61 16.36 0.10
N HIS A 445 -3.41 17.16 0.79
CA HIS A 445 -4.25 18.14 0.08
C HIS A 445 -3.35 19.32 -0.28
N PRO A 446 -3.38 19.77 -1.56
CA PRO A 446 -2.43 20.79 -1.97
C PRO A 446 -2.57 22.16 -1.29
N GLY A 447 -3.76 22.46 -0.74
CA GLY A 447 -4.04 23.67 0.05
C GLY A 447 -3.64 23.62 1.50
N VAL A 448 -3.13 22.48 1.96
CA VAL A 448 -2.80 22.36 3.39
C VAL A 448 -1.28 22.51 3.51
N LEU A 449 -0.86 23.32 4.45
CA LEU A 449 0.59 23.46 4.74
C LEU A 449 0.99 22.43 5.85
N GLU A 450 0.22 22.43 6.96
CA GLU A 450 0.54 21.55 8.08
C GLU A 450 -0.75 21.15 8.71
N ALA A 451 -0.74 19.99 9.39
CA ALA A 451 -1.96 19.58 10.10
C ALA A 451 -1.57 18.83 11.37
N ALA A 452 -2.39 19.02 12.44
CA ALA A 452 -2.17 18.26 13.69
C ALA A 452 -3.51 17.77 14.15
N VAL A 453 -3.59 16.50 14.57
CA VAL A 453 -4.88 15.93 14.92
C VAL A 453 -4.76 15.43 16.37
N VAL A 454 -5.78 15.74 17.19
CA VAL A 454 -5.79 15.30 18.57
C VAL A 454 -7.22 14.83 18.90
N GLY A 455 -7.37 14.10 20.01
CA GLY A 455 -8.73 13.64 20.38
C GLY A 455 -9.36 14.70 21.24
N VAL A 456 -10.65 14.95 21.03
CA VAL A 456 -11.41 15.88 21.89
C VAL A 456 -12.74 15.21 22.19
N ALA A 457 -13.19 15.37 23.41
CA ALA A 457 -14.51 14.77 23.79
C ALA A 457 -15.70 15.48 23.12
N ASP A 458 -16.65 14.73 22.52
CA ASP A 458 -17.89 15.36 22.06
C ASP A 458 -18.90 15.68 23.21
N GLU A 459 -20.12 16.01 22.85
CA GLU A 459 -21.13 16.45 23.83
C GLU A 459 -21.51 15.31 24.81
N HIS A 460 -21.23 14.04 24.41
CA HIS A 460 -21.51 12.88 25.25
C HIS A 460 -20.29 12.40 26.02
N GLY A 461 -19.17 13.10 25.84
CA GLY A 461 -17.92 12.73 26.51
C GLY A 461 -17.07 11.67 25.75
N LEU A 462 -17.42 11.41 24.51
CA LEU A 462 -16.74 10.40 23.70
C LEU A 462 -15.71 11.07 22.81
N THR A 463 -14.51 10.49 22.77
CA THR A 463 -13.36 11.04 22.01
C THR A 463 -13.52 10.91 20.50
N LYS A 464 -13.33 12.05 19.80
CA LYS A 464 -13.40 12.09 18.37
C LYS A 464 -12.12 12.85 17.93
N PRO A 465 -11.63 12.59 16.71
CA PRO A 465 -10.42 13.37 16.27
C PRO A 465 -10.84 14.81 16.01
N LYS A 466 -9.90 15.74 16.14
CA LYS A 466 -10.21 17.11 15.80
C LYS A 466 -8.93 17.59 15.10
N ALA A 467 -9.06 18.31 14.00
CA ALA A 467 -7.85 18.57 13.18
C ALA A 467 -7.62 20.09 13.28
N TYR A 468 -6.37 20.45 13.45
CA TYR A 468 -5.90 21.85 13.43
C TYR A 468 -5.07 21.97 12.20
N VAL A 469 -5.54 22.77 11.26
CA VAL A 469 -4.92 22.87 9.95
C VAL A 469 -4.37 24.29 9.63
N VAL A 470 -3.12 24.36 9.20
CA VAL A 470 -2.59 25.60 8.71
C VAL A 470 -2.71 25.58 7.17
N PRO A 471 -3.51 26.49 6.59
CA PRO A 471 -3.63 26.44 5.13
C PRO A 471 -2.37 26.99 4.44
N ARG A 472 -2.08 26.56 3.22
CA ARG A 472 -0.96 27.11 2.48
C ARG A 472 -1.30 28.55 2.04
N PRO A 473 -0.44 29.51 2.41
CA PRO A 473 -0.71 30.89 1.99
C PRO A 473 -0.86 30.96 0.49
N GLY A 474 -1.88 31.66 0.02
CA GLY A 474 -2.06 31.83 -1.43
C GLY A 474 -2.77 30.71 -2.19
N GLN A 475 -3.32 29.72 -1.48
CA GLN A 475 -4.40 28.86 -2.01
C GLN A 475 -5.62 29.22 -1.21
N THR A 476 -6.78 29.03 -1.82
CA THR A 476 -8.05 29.14 -1.10
C THR A 476 -8.31 27.70 -0.66
N LEU A 477 -8.89 27.52 0.51
CA LEU A 477 -9.17 26.18 1.00
C LEU A 477 -10.21 26.42 2.07
N SER A 478 -11.35 25.75 1.93
CA SER A 478 -12.47 25.85 2.88
C SER A 478 -12.60 24.54 3.68
N GLU A 479 -13.36 24.56 4.79
CA GLU A 479 -13.72 23.33 5.52
C GLU A 479 -14.54 22.35 4.66
N THR A 480 -15.40 22.90 3.78
CA THR A 480 -16.22 22.04 2.93
C THR A 480 -15.30 21.23 1.98
N GLU A 481 -14.32 21.89 1.32
CA GLU A 481 -13.42 21.20 0.39
C GLU A 481 -12.66 20.11 1.13
N LEU A 482 -12.27 20.42 2.37
CA LEU A 482 -11.46 19.49 3.16
C LEU A 482 -12.23 18.22 3.54
N LYS A 483 -13.51 18.35 3.93
CA LYS A 483 -14.46 17.20 4.08
C LYS A 483 -14.66 16.31 2.86
N THR A 484 -14.93 16.93 1.71
CA THR A 484 -14.97 16.23 0.41
C THR A 484 -13.69 15.43 0.14
N PHE A 485 -12.55 16.08 0.35
CA PHE A 485 -11.27 15.43 0.12
C PHE A 485 -11.12 14.14 0.92
N ILE A 486 -11.43 14.20 2.21
CA ILE A 486 -11.27 13.03 3.08
C ILE A 486 -12.35 11.93 2.98
N LYS A 487 -13.54 12.28 2.45
CA LYS A 487 -14.68 11.37 2.22
C LYS A 487 -14.30 9.92 1.90
N ASP A 488 -13.70 9.74 0.72
CA ASP A 488 -13.33 8.41 0.19
C ASP A 488 -11.89 8.02 0.54
N ARG A 489 -11.15 8.93 1.19
CA ARG A 489 -9.79 8.57 1.62
C ARG A 489 -9.65 7.89 2.98
N LEU A 490 -10.60 8.14 3.87
CA LEU A 490 -10.57 7.59 5.24
C LEU A 490 -11.91 6.89 5.55
N ALA A 491 -11.88 5.82 6.37
CA ALA A 491 -13.12 5.29 6.93
C ALA A 491 -13.88 6.38 7.72
N PRO A 492 -15.24 6.33 7.71
CA PRO A 492 -16.08 7.39 8.29
C PRO A 492 -15.80 7.60 9.80
N TYR A 493 -15.50 6.52 10.53
CA TYR A 493 -15.22 6.65 11.97
C TYR A 493 -13.97 7.56 12.19
N LYS A 494 -13.11 7.69 11.18
CA LYS A 494 -11.82 8.44 11.32
C LYS A 494 -11.94 9.90 10.94
N TYR A 495 -13.11 10.32 10.47
CA TYR A 495 -13.37 11.72 10.08
C TYR A 495 -13.18 12.65 11.31
N PRO A 496 -12.38 13.74 11.17
CA PRO A 496 -12.30 14.66 12.30
C PRO A 496 -13.72 15.19 12.53
N ARG A 497 -14.13 15.36 13.79
CA ARG A 497 -15.47 15.88 14.09
C ARG A 497 -15.50 17.38 13.82
N SER A 498 -14.33 18.03 13.94
CA SER A 498 -14.22 19.40 13.50
C SER A 498 -12.80 19.65 12.99
N THR A 499 -12.70 20.62 12.13
CA THR A 499 -11.45 21.15 11.60
C THR A 499 -11.37 22.61 11.95
N VAL A 500 -10.26 23.02 12.52
CA VAL A 500 -10.06 24.41 12.92
C VAL A 500 -8.85 24.92 12.08
N PHE A 501 -9.04 25.97 11.26
CA PHE A 501 -7.98 26.60 10.51
C PHE A 501 -7.27 27.55 11.44
N VAL A 502 -5.95 27.42 11.50
CA VAL A 502 -5.15 28.32 12.36
C VAL A 502 -3.99 28.86 11.57
N ALA A 503 -3.35 29.94 12.06
CA ALA A 503 -2.27 30.55 11.30
C ALA A 503 -0.94 29.82 11.56
N GLU A 504 -0.82 29.19 12.72
CA GLU A 504 0.42 28.45 13.05
C GLU A 504 0.07 27.41 14.09
N LEU A 505 0.95 26.44 14.30
CA LEU A 505 0.75 25.43 15.37
C LEU A 505 1.81 25.62 16.46
N PRO A 506 1.51 25.23 17.71
CA PRO A 506 2.51 25.35 18.83
C PRO A 506 3.64 24.35 18.62
N LYS A 507 4.90 24.80 18.67
CA LYS A 507 6.01 23.94 18.33
C LYS A 507 7.07 24.15 19.39
N THR A 508 7.83 23.08 19.65
CA THR A 508 9.08 23.16 20.44
C THR A 508 10.03 24.14 19.70
N ALA A 509 11.11 24.52 20.38
CA ALA A 509 12.22 25.26 19.78
C ALA A 509 12.79 24.60 18.52
N THR A 510 12.56 23.31 18.39
CA THR A 510 13.18 22.42 17.42
C THR A 510 12.25 22.24 16.20
N GLY A 511 11.02 22.72 16.36
CA GLY A 511 9.99 22.57 15.32
C GLY A 511 9.07 21.39 15.48
N LYS A 512 9.19 20.62 16.57
CA LYS A 512 8.24 19.52 16.85
C LYS A 512 6.87 20.05 17.33
N ILE A 513 5.79 19.58 16.71
CA ILE A 513 4.45 20.03 17.10
C ILE A 513 4.11 19.55 18.53
N GLN A 514 3.68 20.47 19.37
CA GLN A 514 3.30 20.17 20.75
C GLN A 514 1.77 19.88 20.80
N ARG A 515 1.46 18.64 20.46
CA ARG A 515 0.09 18.17 20.34
C ARG A 515 -0.58 18.42 21.70
N PHE A 516 0.19 18.38 22.80
CA PHE A 516 -0.51 18.48 24.09
C PHE A 516 -1.11 19.85 24.34
N LYS A 517 -0.42 20.85 23.80
CA LYS A 517 -0.92 22.24 23.85
C LYS A 517 -2.20 22.41 23.09
N LEU A 518 -2.41 21.65 22.03
CA LEU A 518 -3.71 21.69 21.34
C LEU A 518 -4.77 21.00 22.18
N ARG A 519 -4.39 19.99 22.94
CA ARG A 519 -5.39 19.31 23.76
C ARG A 519 -5.75 20.17 24.92
N GLU A 520 -4.78 20.96 25.40
CA GLU A 520 -5.01 21.92 26.51
C GLU A 520 -5.78 23.16 26.09
N GLY A 521 -6.14 23.22 24.81
CA GLY A 521 -6.95 24.30 24.27
C GLY A 521 -6.23 25.58 23.89
N VAL A 522 -4.89 25.60 23.92
CA VAL A 522 -4.06 26.75 23.42
C VAL A 522 -4.57 27.44 22.11
N LEU A 523 -5.16 26.71 21.14
CA LEU A 523 -5.77 27.32 19.90
C LEU A 523 -7.26 27.01 19.70
N VAL B 6 35.32 -0.02 -27.50
CA VAL B 6 35.18 0.62 -26.15
C VAL B 6 36.02 -0.21 -25.18
N THR B 7 36.93 0.43 -24.45
CA THR B 7 37.71 -0.33 -23.47
C THR B 7 36.86 -0.63 -22.20
N PRO B 8 36.91 -1.88 -21.67
CA PRO B 8 36.13 -2.15 -20.42
C PRO B 8 36.63 -1.30 -19.27
N PRO B 9 35.73 -0.95 -18.29
CA PRO B 9 36.19 -0.20 -17.15
C PRO B 9 37.18 -1.05 -16.34
N PRO B 10 38.09 -0.40 -15.58
CA PRO B 10 39.00 -1.20 -14.70
C PRO B 10 38.21 -1.94 -13.60
N GLU B 11 38.80 -3.02 -13.06
CA GLU B 11 38.18 -3.80 -11.97
C GLU B 11 37.84 -2.90 -10.78
N LYS B 12 38.74 -2.00 -10.40
CA LYS B 12 38.51 -1.04 -9.34
C LYS B 12 37.87 0.18 -10.02
N PHE B 13 36.58 0.45 -9.74
CA PHE B 13 35.90 1.51 -10.56
C PHE B 13 34.73 2.03 -9.72
N ASN B 14 34.66 3.34 -9.62
CA ASN B 14 33.50 4.01 -9.02
C ASN B 14 32.95 4.95 -10.08
N PHE B 15 31.66 4.75 -10.45
CA PHE B 15 31.16 5.47 -11.62
C PHE B 15 31.03 6.95 -11.33
N ALA B 16 30.75 7.36 -10.07
CA ALA B 16 30.65 8.85 -9.84
C ALA B 16 32.07 9.41 -9.98
N GLU B 17 33.03 8.75 -9.33
CA GLU B 17 34.45 9.26 -9.53
C GLU B 17 34.84 9.36 -11.04
N HIS B 18 34.46 8.37 -11.84
CA HIS B 18 34.70 8.39 -13.31
C HIS B 18 34.14 9.61 -13.96
N LEU B 19 32.90 9.97 -13.63
CA LEU B 19 32.26 11.12 -14.24
C LEU B 19 32.84 12.44 -13.74
N LEU B 20 33.24 12.47 -12.45
CA LEU B 20 33.84 13.72 -11.92
C LEU B 20 35.21 13.88 -12.56
N GLN B 21 35.94 12.80 -12.64
CA GLN B 21 37.37 12.88 -13.19
C GLN B 21 37.30 13.25 -14.66
N THR B 22 36.33 12.72 -15.38
CA THR B 22 36.13 13.15 -16.76
C THR B 22 36.07 14.66 -16.98
N ASN B 23 35.50 15.39 -16.04
CA ASN B 23 35.19 16.78 -16.28
C ASN B 23 36.12 17.74 -15.53
N ARG B 24 37.17 17.19 -14.96
CA ARG B 24 38.16 18.06 -14.27
C ARG B 24 38.86 19.01 -15.30
N VAL B 25 38.78 18.64 -16.57
CA VAL B 25 39.28 19.52 -17.65
C VAL B 25 38.40 20.72 -17.92
N ARG B 26 37.11 20.74 -17.45
CA ARG B 26 36.24 21.85 -17.72
C ARG B 26 35.53 22.29 -16.45
N PRO B 27 36.29 22.75 -15.41
CA PRO B 27 35.65 23.05 -14.11
C PRO B 27 34.67 24.17 -14.21
N ASP B 28 34.86 25.12 -15.15
CA ASP B 28 33.93 26.25 -15.21
C ASP B 28 32.82 26.21 -16.22
N LYS B 29 32.69 25.11 -16.92
CA LYS B 29 31.59 24.99 -17.87
C LYS B 29 30.37 24.57 -17.05
N THR B 30 29.21 25.03 -17.51
CA THR B 30 27.95 24.69 -16.83
C THR B 30 27.70 23.21 -17.01
N ALA B 31 27.46 22.50 -15.90
CA ALA B 31 27.17 21.05 -15.98
C ALA B 31 25.65 20.92 -16.03
N PHE B 32 24.95 21.60 -15.11
CA PHE B 32 23.46 21.47 -15.02
C PHE B 32 22.90 22.85 -14.76
N VAL B 33 21.79 23.13 -15.39
CA VAL B 33 21.11 24.39 -15.19
C VAL B 33 19.61 24.10 -15.16
N ASP B 34 18.91 24.72 -14.24
CA ASP B 34 17.40 24.63 -14.21
C ASP B 34 16.76 26.04 -14.06
N ASP B 35 15.45 26.14 -13.76
CA ASP B 35 14.78 27.43 -13.72
C ASP B 35 15.41 28.34 -12.66
N ILE B 36 16.03 27.79 -11.68
CA ILE B 36 16.45 28.71 -10.61
C ILE B 36 17.91 28.66 -10.28
N SER B 37 18.66 27.70 -10.80
CA SER B 37 20.06 27.56 -10.33
C SER B 37 20.93 26.92 -11.42
N SER B 38 22.25 26.93 -11.23
CA SER B 38 23.14 26.29 -12.16
C SER B 38 24.30 25.78 -11.38
N LEU B 39 24.93 24.75 -11.90
CA LEU B 39 26.13 24.20 -11.31
C LEU B 39 27.14 23.99 -12.39
N SER B 40 28.34 24.58 -12.23
CA SER B 40 29.48 24.25 -13.08
C SER B 40 29.96 22.85 -12.74
N PHE B 41 30.77 22.23 -13.59
CA PHE B 41 31.34 20.94 -13.24
C PHE B 41 32.08 20.97 -11.92
N ALA B 42 32.85 22.05 -11.71
CA ALA B 42 33.53 22.10 -10.39
C ALA B 42 32.55 22.25 -9.18
N GLN B 43 31.47 23.02 -9.33
CA GLN B 43 30.50 23.24 -8.19
C GLN B 43 29.76 21.90 -7.97
N LEU B 44 29.55 21.19 -9.08
CA LEU B 44 28.92 19.88 -8.98
C LEU B 44 29.81 18.89 -8.26
N GLU B 45 31.10 18.84 -8.59
CA GLU B 45 31.98 17.91 -7.93
C GLU B 45 32.01 18.19 -6.40
N ALA B 46 32.05 19.47 -6.08
CA ALA B 46 32.18 19.86 -4.65
C ALA B 46 30.89 19.43 -3.88
N GLN B 47 29.72 19.72 -4.44
CA GLN B 47 28.46 19.37 -3.81
C GLN B 47 28.34 17.89 -3.70
N THR B 48 28.66 17.19 -4.81
CA THR B 48 28.66 15.72 -4.79
C THR B 48 29.54 15.11 -3.63
N ARG B 49 30.76 15.60 -3.50
CA ARG B 49 31.64 14.94 -2.54
C ARG B 49 31.20 15.42 -1.15
N GLN B 50 30.63 16.61 -1.01
CA GLN B 50 30.11 17.06 0.33
C GLN B 50 28.89 16.24 0.76
N LEU B 51 28.02 15.96 -0.21
CA LEU B 51 26.85 15.13 0.05
CA LEU B 51 26.87 15.14 0.11
C LEU B 51 27.32 13.73 0.45
N ALA B 52 28.29 13.20 -0.26
CA ALA B 52 28.84 11.89 0.07
C ALA B 52 29.25 11.85 1.55
N ALA B 53 30.02 12.87 1.93
CA ALA B 53 30.53 12.97 3.36
C ALA B 53 29.34 13.09 4.29
N ALA B 54 28.34 13.89 3.91
CA ALA B 54 27.15 14.09 4.74
C ALA B 54 26.36 12.76 5.02
N LEU B 55 26.13 11.94 3.96
CA LEU B 55 25.51 10.60 4.10
C LEU B 55 26.34 9.74 5.02
N ARG B 56 27.67 9.77 4.88
CA ARG B 56 28.45 8.90 5.74
C ARG B 56 28.35 9.38 7.18
N ALA B 57 28.22 10.70 7.38
CA ALA B 57 28.20 11.29 8.75
C ALA B 57 26.88 10.92 9.49
N ILE B 58 25.79 10.61 8.76
CA ILE B 58 24.57 10.26 9.42
C ILE B 58 24.49 8.77 9.56
N GLY B 59 25.56 8.07 9.27
CA GLY B 59 25.68 6.63 9.61
C GLY B 59 25.34 5.70 8.46
N VAL B 60 25.08 6.25 7.27
CA VAL B 60 24.74 5.35 6.11
C VAL B 60 26.01 4.65 5.62
N LYS B 61 26.00 3.32 5.51
CA LYS B 61 27.20 2.58 5.21
C LYS B 61 27.29 2.18 3.75
N ARG B 62 28.51 1.84 3.31
CA ARG B 62 28.65 1.18 1.98
C ARG B 62 27.62 0.07 1.76
N GLU B 63 27.04 0.08 0.54
CA GLU B 63 26.03 -0.93 0.06
C GLU B 63 24.66 -0.75 0.58
N GLU B 64 24.48 0.10 1.61
CA GLU B 64 23.11 0.45 2.05
C GLU B 64 22.40 1.32 1.01
N ARG B 65 21.06 1.24 1.01
CA ARG B 65 20.30 2.04 0.04
C ARG B 65 19.79 3.34 0.62
N VAL B 66 19.59 4.34 -0.25
CA VAL B 66 18.88 5.53 0.13
C VAL B 66 17.83 5.74 -1.01
N LEU B 67 16.64 6.24 -0.65
CA LEU B 67 15.59 6.45 -1.65
C LEU B 67 15.79 7.85 -2.21
N LEU B 68 15.83 7.95 -3.55
CA LEU B 68 15.93 9.29 -4.16
C LEU B 68 14.61 9.60 -4.87
N LEU B 69 13.86 10.53 -4.28
CA LEU B 69 12.47 10.83 -4.69
C LEU B 69 12.49 12.30 -4.97
N MET B 70 12.89 12.67 -6.20
CA MET B 70 13.17 14.11 -6.45
C MET B 70 12.81 14.50 -7.86
N LEU B 71 12.24 15.69 -7.96
CA LEU B 71 11.93 16.32 -9.28
C LEU B 71 13.26 16.70 -9.98
N ASP B 72 13.22 16.78 -11.34
CA ASP B 72 14.45 17.14 -12.03
C ASP B 72 14.87 18.57 -11.62
N GLY B 73 16.16 18.69 -11.34
CA GLY B 73 16.74 19.98 -11.01
C GLY B 73 18.16 19.70 -10.58
N THR B 74 18.91 20.77 -10.31
CA THR B 74 20.34 20.59 -10.10
C THR B 74 20.69 19.77 -8.88
N ASP B 75 19.82 19.72 -7.86
CA ASP B 75 20.17 18.86 -6.72
C ASP B 75 20.08 17.34 -7.05
N TRP B 76 19.33 16.97 -8.10
CA TRP B 76 19.19 15.51 -8.37
C TRP B 76 20.51 14.83 -8.72
N PRO B 77 21.32 15.41 -9.64
CA PRO B 77 22.55 14.68 -9.89
C PRO B 77 23.53 14.72 -8.65
N VAL B 78 23.50 15.81 -7.87
CA VAL B 78 24.29 15.83 -6.62
C VAL B 78 23.84 14.69 -5.71
N ALA B 79 22.51 14.52 -5.54
CA ALA B 79 22.09 13.37 -4.73
C ALA B 79 22.53 11.99 -5.29
N PHE B 80 22.19 11.77 -6.57
CA PHE B 80 22.56 10.49 -7.27
C PHE B 80 24.10 10.20 -7.21
N LEU B 81 24.89 11.17 -7.67
CA LEU B 81 26.36 10.96 -7.73
C LEU B 81 26.95 10.98 -6.32
N GLY B 82 26.38 11.80 -5.41
CA GLY B 82 26.98 11.88 -4.04
C GLY B 82 26.85 10.53 -3.34
N ALA B 83 25.66 9.95 -3.43
CA ALA B 83 25.47 8.56 -2.88
C ALA B 83 26.47 7.56 -3.50
N ILE B 84 26.53 7.56 -4.84
CA ILE B 84 27.43 6.63 -5.55
C ILE B 84 28.93 6.81 -5.19
N TYR B 85 29.31 8.07 -5.01
CA TYR B 85 30.73 8.39 -4.65
C TYR B 85 31.09 7.77 -3.28
N ALA B 86 30.11 7.86 -2.38
CA ALA B 86 30.22 7.25 -1.02
C ALA B 86 30.05 5.70 -1.00
N GLY B 87 29.72 5.06 -2.12
CA GLY B 87 29.46 3.63 -2.12
C GLY B 87 28.09 3.26 -1.58
N ILE B 88 27.19 4.24 -1.54
CA ILE B 88 25.83 4.06 -1.01
C ILE B 88 24.95 3.95 -2.29
N VAL B 89 23.91 3.14 -2.23
CA VAL B 89 23.15 2.83 -3.45
C VAL B 89 21.85 3.63 -3.48
N PRO B 90 21.79 4.70 -4.34
CA PRO B 90 20.52 5.44 -4.48
C PRO B 90 19.53 4.60 -5.22
N VAL B 91 18.28 4.67 -4.81
CA VAL B 91 17.15 3.94 -5.44
C VAL B 91 16.33 5.06 -6.01
N ALA B 92 16.47 5.26 -7.32
CA ALA B 92 15.82 6.45 -7.94
C ALA B 92 14.44 6.10 -8.44
N VAL B 93 13.42 6.86 -7.96
CA VAL B 93 11.99 6.40 -8.22
C VAL B 93 11.18 7.48 -8.82
N ASN B 94 10.12 7.02 -9.48
CA ASN B 94 9.15 7.90 -10.04
C ASN B 94 8.51 8.84 -9.02
N THR B 95 8.28 10.08 -9.45
CA THR B 95 7.84 11.15 -8.56
C THR B 95 6.32 11.32 -8.53
N LEU B 96 5.61 10.46 -9.28
CA LEU B 96 4.15 10.63 -9.40
C LEU B 96 3.42 9.47 -8.75
N LEU B 97 4.07 8.69 -7.87
CA LEU B 97 3.38 7.52 -7.31
C LEU B 97 2.59 7.90 -6.01
N THR B 98 1.93 6.89 -5.47
CA THR B 98 1.13 7.05 -4.23
C THR B 98 1.93 6.75 -2.99
N ALA B 99 1.35 7.19 -1.85
CA ALA B 99 1.98 6.84 -0.60
C ALA B 99 2.13 5.33 -0.39
N ASP B 100 1.16 4.57 -0.88
CA ASP B 100 1.26 3.10 -0.74
C ASP B 100 2.40 2.54 -1.62
N ASP B 101 2.55 3.14 -2.80
CA ASP B 101 3.70 2.71 -3.70
C ASP B 101 5.02 3.01 -3.01
N TYR B 102 5.15 4.20 -2.40
CA TYR B 102 6.40 4.49 -1.73
C TYR B 102 6.63 3.69 -0.45
N ALA B 103 5.55 3.40 0.26
CA ALA B 103 5.65 2.62 1.48
C ALA B 103 6.37 1.31 1.12
N TYR B 104 5.89 0.64 0.07
CA TYR B 104 6.51 -0.64 -0.32
C TYR B 104 7.97 -0.49 -0.71
N MET B 105 8.27 0.59 -1.47
CA MET B 105 9.67 0.76 -1.88
C MET B 105 10.58 0.98 -0.68
N LEU B 106 10.11 1.70 0.34
CA LEU B 106 10.94 1.93 1.55
C LEU B 106 11.21 0.58 2.24
N GLU B 107 10.15 -0.23 2.40
CA GLU B 107 10.32 -1.54 3.00
C GLU B 107 11.22 -2.48 2.24
N HIS B 108 11.00 -2.52 0.91
CA HIS B 108 11.70 -3.53 0.11
C HIS B 108 13.23 -3.11 -0.04
N SER B 109 13.48 -1.82 -0.33
CA SER B 109 14.85 -1.31 -0.44
C SER B 109 15.56 -1.27 0.92
N ARG B 110 14.82 -1.30 2.06
CA ARG B 110 15.42 -1.01 3.37
C ARG B 110 16.18 0.31 3.31
N ALA B 111 15.63 1.34 2.62
CA ALA B 111 16.36 2.68 2.51
C ALA B 111 16.63 3.22 3.92
N GLN B 112 17.87 3.71 4.14
CA GLN B 112 18.28 4.17 5.44
C GLN B 112 18.07 5.65 5.51
N ALA B 113 17.93 6.28 4.35
CA ALA B 113 17.59 7.73 4.35
C ALA B 113 16.86 8.03 3.04
N VAL B 114 16.13 9.16 3.01
CA VAL B 114 15.39 9.62 1.81
C VAL B 114 15.88 11.02 1.44
N LEU B 115 16.17 11.21 0.15
CA LEU B 115 16.38 12.55 -0.43
C LEU B 115 15.20 12.89 -1.27
N VAL B 116 14.47 13.93 -0.87
CA VAL B 116 13.09 14.16 -1.37
C VAL B 116 12.90 15.64 -1.76
N SER B 117 12.19 15.90 -2.89
CA SER B 117 11.87 17.31 -3.15
C SER B 117 10.78 17.82 -2.19
N GLY B 118 10.74 19.13 -1.86
CA GLY B 118 9.68 19.64 -0.98
C GLY B 118 8.25 19.32 -1.43
N ALA B 119 7.99 19.41 -2.75
CA ALA B 119 6.65 19.20 -3.27
C ALA B 119 6.22 17.71 -3.05
N LEU B 120 7.19 16.83 -2.84
CA LEU B 120 6.94 15.34 -2.67
C LEU B 120 6.98 14.93 -1.19
N HIS B 121 7.27 15.87 -0.30
CA HIS B 121 7.44 15.52 1.10
C HIS B 121 6.06 15.08 1.71
N PRO B 122 4.94 15.68 1.27
CA PRO B 122 3.67 15.23 1.90
C PRO B 122 3.41 13.74 1.62
N VAL B 123 3.57 13.37 0.35
CA VAL B 123 3.32 11.94 -0.04
C VAL B 123 4.33 11.02 0.68
N LEU B 124 5.59 11.48 0.80
CA LEU B 124 6.55 10.66 1.54
C LEU B 124 6.19 10.52 3.05
N LYS B 125 5.72 11.61 3.67
CA LYS B 125 5.32 11.51 5.08
C LYS B 125 4.22 10.53 5.26
N ALA B 126 3.27 10.48 4.30
CA ALA B 126 2.22 9.45 4.38
C ALA B 126 2.83 8.02 4.31
N ALA B 127 3.79 7.84 3.38
CA ALA B 127 4.43 6.53 3.20
C ALA B 127 5.18 6.16 4.48
N LEU B 128 5.93 7.12 5.07
CA LEU B 128 6.71 6.86 6.28
C LEU B 128 5.78 6.50 7.45
N THR B 129 4.58 7.10 7.53
CA THR B 129 3.71 6.85 8.70
C THR B 129 3.18 5.41 8.69
N LYS B 130 2.93 4.85 7.49
CA LYS B 130 2.23 3.56 7.43
C LYS B 130 3.18 2.33 7.29
N SER B 131 4.46 2.59 7.06
CA SER B 131 5.30 1.50 6.56
C SER B 131 6.23 1.00 7.64
N ASP B 132 6.80 -0.16 7.45
CA ASP B 132 7.77 -0.67 8.40
C ASP B 132 9.16 -0.37 7.81
N HIS B 133 9.54 0.90 7.81
CA HIS B 133 10.67 1.39 7.02
C HIS B 133 11.81 1.45 8.06
N GLU B 134 13.02 1.72 7.54
CA GLU B 134 14.22 1.91 8.33
C GLU B 134 14.84 3.29 8.09
N VAL B 135 14.01 4.27 7.72
CA VAL B 135 14.57 5.62 7.31
C VAL B 135 14.95 6.33 8.60
N GLN B 136 16.23 6.79 8.71
CA GLN B 136 16.70 7.48 9.91
C GLN B 136 16.71 8.98 9.64
N ARG B 137 16.90 9.43 8.38
CA ARG B 137 16.92 10.86 8.15
C ARG B 137 16.18 11.17 6.84
N VAL B 138 15.51 12.30 6.81
CA VAL B 138 14.86 12.76 5.52
C VAL B 138 15.55 14.10 5.15
N ILE B 139 16.17 14.15 3.96
CA ILE B 139 16.82 15.36 3.44
C ILE B 139 15.96 16.00 2.34
N VAL B 140 15.52 17.25 2.57
CA VAL B 140 14.48 17.82 1.76
C VAL B 140 15.07 18.94 0.88
N SER B 141 15.05 18.69 -0.45
CA SER B 141 15.45 19.71 -1.41
C SER B 141 14.29 20.59 -1.70
N ARG B 142 14.50 21.88 -1.42
CA ARG B 142 13.48 22.94 -1.60
C ARG B 142 12.23 22.68 -0.79
N PRO B 143 12.39 22.66 0.54
CA PRO B 143 11.21 22.46 1.41
C PRO B 143 10.12 23.50 1.17
N ALA B 144 8.85 23.06 1.16
CA ALA B 144 7.70 23.92 0.91
C ALA B 144 6.77 23.96 2.13
N ALA B 145 7.26 23.46 3.25
CA ALA B 145 6.52 23.56 4.51
C ALA B 145 7.57 23.33 5.60
N PRO B 146 7.26 23.67 6.85
CA PRO B 146 8.26 23.56 7.94
C PRO B 146 8.78 22.16 8.20
N LEU B 147 10.05 22.03 8.56
CA LEU B 147 10.69 20.75 8.82
C LEU B 147 10.61 20.43 10.30
N GLU B 148 10.59 19.15 10.63
CA GLU B 148 10.59 18.76 12.07
C GLU B 148 11.85 17.99 12.32
N PRO B 149 12.15 17.67 13.60
CA PRO B 149 13.41 16.97 13.83
C PRO B 149 13.51 15.65 13.07
N GLY B 150 14.72 15.35 12.59
CA GLY B 150 14.89 14.13 11.75
C GLY B 150 14.97 14.62 10.27
N GLU B 151 14.37 15.75 9.95
CA GLU B 151 14.33 16.28 8.56
C GLU B 151 15.34 17.42 8.47
N VAL B 152 16.03 17.54 7.35
CA VAL B 152 16.99 18.64 7.22
C VAL B 152 16.92 19.19 5.78
N ASP B 153 17.15 20.48 5.63
CA ASP B 153 17.18 21.06 4.27
C ASP B 153 18.40 20.56 3.52
N PHE B 154 18.24 20.28 2.23
CA PHE B 154 19.32 19.61 1.45
C PHE B 154 20.52 20.59 1.35
N ALA B 155 20.31 21.88 1.07
CA ALA B 155 21.52 22.79 0.96
C ALA B 155 22.22 22.86 2.29
N GLU B 156 21.48 22.89 3.42
CA GLU B 156 22.10 22.93 4.76
CA GLU B 156 22.13 22.91 4.78
C GLU B 156 22.92 21.67 5.02
N PHE B 157 22.31 20.51 4.67
CA PHE B 157 22.97 19.22 4.85
C PHE B 157 24.29 19.14 4.07
N VAL B 158 24.23 19.52 2.76
CA VAL B 158 25.44 19.48 1.95
C VAL B 158 26.48 20.54 2.47
N GLY B 159 25.97 21.71 2.81
CA GLY B 159 26.86 22.83 3.24
C GLY B 159 27.53 22.54 4.57
N ALA B 160 27.04 21.54 5.30
CA ALA B 160 27.58 21.21 6.62
C ALA B 160 28.77 20.34 6.62
N HIS B 161 29.19 19.76 5.49
CA HIS B 161 30.29 18.84 5.53
C HIS B 161 31.32 19.22 4.48
N ALA B 162 32.58 18.94 4.77
CA ALA B 162 33.63 19.18 3.78
C ALA B 162 33.61 17.99 2.78
N PRO B 163 34.18 18.21 1.58
CA PRO B 163 34.13 17.00 0.66
C PRO B 163 34.82 15.78 1.13
N LEU B 164 34.19 14.64 0.92
CA LEU B 164 34.83 13.38 1.17
C LEU B 164 36.11 13.32 0.32
N GLU B 165 37.19 12.82 0.94
CA GLU B 165 38.56 12.85 0.37
C GLU B 165 38.66 11.92 -0.83
N LYS B 166 38.09 10.72 -0.76
CA LYS B 166 38.22 9.76 -1.82
C LYS B 166 36.87 9.02 -1.96
N PRO B 167 36.57 8.50 -3.14
CA PRO B 167 35.30 7.66 -3.23
C PRO B 167 35.49 6.34 -2.53
N ALA B 168 34.38 5.66 -2.25
CA ALA B 168 34.43 4.28 -1.81
C ALA B 168 35.21 3.48 -2.84
N ALA B 169 36.00 2.49 -2.38
CA ALA B 169 36.83 1.60 -3.21
C ALA B 169 35.98 0.50 -3.84
N THR B 170 34.96 0.90 -4.58
CA THR B 170 34.07 -0.07 -5.26
C THR B 170 34.73 -0.76 -6.45
N GLN B 171 34.16 -1.89 -6.82
CA GLN B 171 34.54 -2.54 -8.07
C GLN B 171 33.48 -2.31 -9.14
N ALA B 172 33.92 -2.47 -10.40
CA ALA B 172 33.04 -2.24 -11.58
C ALA B 172 31.79 -3.04 -11.49
N ASP B 173 31.89 -4.26 -10.94
CA ASP B 173 30.69 -5.09 -10.87
C ASP B 173 29.89 -5.03 -9.54
N ASP B 174 30.28 -4.17 -8.62
CA ASP B 174 29.48 -3.90 -7.39
C ASP B 174 28.17 -3.15 -7.74
N PRO B 175 27.07 -3.41 -7.00
CA PRO B 175 25.84 -2.59 -7.17
C PRO B 175 26.16 -1.17 -7.02
N ALA B 176 25.64 -0.33 -7.91
CA ALA B 176 25.83 1.08 -7.79
C ALA B 176 24.49 1.81 -7.46
N PHE B 177 23.42 1.41 -8.14
CA PHE B 177 22.10 2.06 -7.92
C PHE B 177 20.93 1.13 -8.34
N TRP B 178 19.70 1.42 -7.93
CA TRP B 178 18.53 0.63 -8.34
C TRP B 178 17.53 1.53 -9.10
N LEU B 179 16.71 0.89 -9.96
CA LEU B 179 15.51 1.53 -10.48
C LEU B 179 14.44 0.48 -10.24
N TYR B 180 13.19 0.91 -10.11
CA TYR B 180 12.08 -0.06 -10.02
C TYR B 180 11.45 -0.33 -11.38
N SER B 181 11.03 -1.57 -11.63
CA SER B 181 10.33 -1.89 -12.90
C SER B 181 9.00 -2.59 -12.58
N SER B 182 7.91 -2.05 -13.04
CA SER B 182 6.60 -2.68 -12.81
C SER B 182 6.38 -3.89 -13.73
N GLY B 183 5.61 -4.89 -13.29
CA GLY B 183 5.23 -6.07 -14.13
C GLY B 183 3.72 -6.19 -14.13
N SER B 184 3.17 -7.24 -14.75
CA SER B 184 1.71 -7.16 -14.96
C SER B 184 0.97 -7.48 -13.64
N THR B 185 1.62 -8.28 -12.80
CA THR B 185 1.08 -8.52 -11.43
C THR B 185 2.28 -8.47 -10.47
N GLY B 186 1.96 -8.35 -9.19
CA GLY B 186 3.01 -8.42 -8.17
C GLY B 186 3.67 -7.10 -7.98
N ARG B 187 4.58 -7.11 -7.01
CA ARG B 187 5.17 -5.82 -6.58
C ARG B 187 6.15 -5.32 -7.72
N PRO B 188 6.49 -4.03 -7.70
CA PRO B 188 7.52 -3.57 -8.68
C PRO B 188 8.87 -4.19 -8.28
N LYS B 189 9.74 -4.43 -9.28
CA LYS B 189 10.94 -5.19 -9.03
C LYS B 189 12.11 -4.25 -8.94
N GLY B 190 12.99 -4.51 -7.97
CA GLY B 190 14.18 -3.63 -7.73
C GLY B 190 15.30 -4.09 -8.67
N VAL B 191 15.49 -3.28 -9.74
CA VAL B 191 16.51 -3.64 -10.79
C VAL B 191 17.85 -3.14 -10.31
N VAL B 192 18.78 -4.05 -10.09
CA VAL B 192 20.10 -3.70 -9.55
C VAL B 192 21.15 -3.45 -10.63
N HIS B 193 21.65 -2.20 -10.72
CA HIS B 193 22.67 -1.89 -11.71
C HIS B 193 24.04 -1.69 -11.05
N THR B 194 25.06 -2.07 -11.78
CA THR B 194 26.43 -1.92 -11.26
C THR B 194 27.13 -0.61 -11.67
N HIS B 195 28.34 -0.36 -11.11
CA HIS B 195 29.12 0.80 -11.55
C HIS B 195 29.45 0.75 -13.05
N ALA B 196 29.67 -0.46 -13.57
CA ALA B 196 30.06 -0.65 -15.02
C ALA B 196 28.87 -0.30 -15.93
N ASN B 197 27.67 -0.58 -15.48
CA ASN B 197 26.56 -0.53 -16.48
C ASN B 197 26.34 0.87 -17.13
N PRO B 198 26.28 1.95 -16.34
CA PRO B 198 26.12 3.26 -17.04
C PRO B 198 27.33 3.74 -17.81
N TYR B 199 28.50 3.21 -17.48
CA TYR B 199 29.70 3.44 -18.36
C TYR B 199 29.41 2.84 -19.77
N TRP B 200 28.99 1.58 -19.80
CA TRP B 200 28.70 0.96 -21.09
C TRP B 200 27.59 1.70 -21.90
N THR B 201 26.46 2.06 -21.26
CA THR B 201 25.40 2.75 -22.02
C THR B 201 25.95 4.08 -22.50
N SER B 202 26.71 4.80 -21.67
CA SER B 202 27.06 6.14 -22.05
C SER B 202 28.12 6.07 -23.19
N GLU B 203 28.94 5.02 -23.20
CA GLU B 203 29.95 4.88 -24.30
C GLU B 203 29.34 4.28 -25.57
N LEU B 204 28.60 3.20 -25.42
CA LEU B 204 28.05 2.52 -26.62
C LEU B 204 26.92 3.28 -27.30
N TYR B 205 26.07 3.98 -26.49
CA TYR B 205 24.91 4.65 -27.05
C TYR B 205 25.14 6.16 -27.07
N GLY B 206 25.30 6.72 -25.87
CA GLY B 206 25.53 8.18 -25.83
C GLY B 206 26.64 8.72 -26.75
N ARG B 207 27.84 8.18 -26.59
CA ARG B 207 28.95 8.64 -27.42
C ARG B 207 28.90 7.99 -28.79
N ASN B 208 28.86 6.68 -28.84
CA ASN B 208 29.16 6.00 -30.13
C ASN B 208 28.00 5.87 -31.06
N THR B 209 26.75 6.06 -30.57
CA THR B 209 25.59 5.99 -31.49
C THR B 209 25.00 7.34 -31.72
N LEU B 210 24.73 8.12 -30.62
CA LEU B 210 24.18 9.48 -30.77
C LEU B 210 25.26 10.50 -31.14
N HIS B 211 26.50 10.14 -30.82
CA HIS B 211 27.65 11.10 -31.02
C HIS B 211 27.41 12.41 -30.27
N LEU B 212 26.97 12.32 -29.02
CA LEU B 212 26.89 13.53 -28.21
CA LEU B 212 26.89 13.49 -28.18
C LEU B 212 28.29 14.13 -28.03
N ARG B 213 28.35 15.44 -27.87
CA ARG B 213 29.67 16.07 -27.76
C ARG B 213 29.65 17.21 -26.71
N GLU B 214 30.84 17.75 -26.45
CA GLU B 214 30.99 18.67 -25.33
C GLU B 214 30.18 19.92 -25.58
N ASP B 215 30.05 20.35 -26.82
CA ASP B 215 29.29 21.60 -27.04
C ASP B 215 27.77 21.46 -27.10
N ASP B 216 27.24 20.24 -26.88
CA ASP B 216 25.83 20.06 -26.82
C ASP B 216 25.17 20.64 -25.54
N VAL B 217 23.89 20.96 -25.68
CA VAL B 217 23.02 21.28 -24.55
C VAL B 217 21.88 20.23 -24.58
N CYS B 218 21.87 19.33 -23.55
CA CYS B 218 20.91 18.22 -23.60
C CYS B 218 19.66 18.62 -22.85
N PHE B 219 18.48 18.15 -23.29
CA PHE B 219 17.26 18.48 -22.54
C PHE B 219 16.34 17.29 -22.80
N SER B 220 15.92 16.59 -21.72
CA SER B 220 15.11 15.41 -21.88
C SER B 220 13.71 15.64 -21.22
N ALA B 221 12.64 15.50 -21.98
CA ALA B 221 11.30 15.54 -21.40
C ALA B 221 11.13 14.30 -20.44
N ALA B 222 11.93 13.26 -20.69
CA ALA B 222 11.96 12.08 -19.81
C ALA B 222 12.76 12.44 -18.59
N LYS B 223 12.13 12.35 -17.41
CA LYS B 223 12.76 12.74 -16.17
C LYS B 223 13.90 11.80 -15.81
N LEU B 224 14.76 12.32 -14.94
CA LEU B 224 15.93 11.57 -14.56
C LEU B 224 15.65 10.19 -13.89
N PHE B 225 14.49 10.02 -13.23
CA PHE B 225 14.29 8.68 -12.64
C PHE B 225 14.00 7.59 -13.68
N PHE B 226 13.62 7.99 -14.91
CA PHE B 226 13.43 6.97 -15.96
C PHE B 226 14.82 6.52 -16.41
N ALA B 227 14.99 5.19 -16.64
CA ALA B 227 16.28 4.75 -17.21
C ALA B 227 16.65 5.58 -18.47
N TYR B 228 15.67 5.87 -19.28
CA TYR B 228 15.92 6.59 -20.51
C TYR B 228 16.48 7.98 -20.14
N GLY B 229 15.78 8.71 -19.25
CA GLY B 229 16.21 10.09 -18.90
C GLY B 229 17.50 10.12 -18.08
N LEU B 230 17.74 9.06 -17.29
CA LEU B 230 18.98 9.04 -16.48
C LEU B 230 20.23 9.03 -17.45
N GLY B 231 20.11 8.29 -18.58
CA GLY B 231 21.18 8.35 -19.60
C GLY B 231 21.11 9.71 -20.29
N ASN B 232 19.93 10.10 -20.80
CA ASN B 232 19.86 11.30 -21.65
C ASN B 232 20.38 12.58 -21.01
N ALA B 233 20.14 12.75 -19.69
CA ALA B 233 20.28 14.07 -19.06
C ALA B 233 21.20 13.91 -17.83
N LEU B 234 21.86 12.79 -17.71
CA LEU B 234 22.93 12.70 -16.65
C LEU B 234 24.13 11.95 -17.18
N THR B 235 24.02 10.65 -17.35
CA THR B 235 25.26 9.89 -17.60
C THR B 235 25.84 10.22 -18.99
N PHE B 236 25.01 10.32 -20.01
CA PHE B 236 25.50 10.69 -21.35
C PHE B 236 26.21 12.05 -21.40
N PRO B 237 25.54 13.15 -20.97
CA PRO B 237 26.18 14.46 -21.09
C PRO B 237 27.39 14.57 -20.18
N MET B 238 27.37 13.95 -19.00
CA MET B 238 28.60 14.04 -18.13
C MET B 238 29.75 13.24 -18.75
N THR B 239 29.45 12.25 -19.59
CA THR B 239 30.52 11.42 -20.20
C THR B 239 31.30 12.26 -21.21
N VAL B 240 30.60 13.17 -21.90
CA VAL B 240 31.26 14.01 -22.94
C VAL B 240 31.49 15.46 -22.56
N GLY B 241 31.06 15.87 -21.36
CA GLY B 241 31.15 17.30 -21.00
C GLY B 241 30.09 18.22 -21.51
N ALA B 242 28.96 17.70 -22.06
CA ALA B 242 27.89 18.55 -22.47
C ALA B 242 27.23 19.27 -21.28
N THR B 243 26.54 20.36 -21.57
CA THR B 243 25.70 21.03 -20.54
C THR B 243 24.29 20.48 -20.58
N THR B 244 23.67 20.31 -19.38
CA THR B 244 22.32 19.77 -19.38
C THR B 244 21.32 20.77 -18.77
N LEU B 245 20.20 20.94 -19.43
CA LEU B 245 19.09 21.69 -18.96
C LEU B 245 18.09 20.74 -18.27
N LEU B 246 17.76 21.09 -17.04
CA LEU B 246 16.71 20.32 -16.29
C LEU B 246 15.48 21.13 -16.06
N MET B 247 14.37 20.44 -15.96
CA MET B 247 13.13 21.16 -15.73
C MET B 247 12.26 20.34 -14.76
N GLY B 248 11.79 20.98 -13.68
CA GLY B 248 10.94 20.19 -12.65
C GLY B 248 9.53 19.95 -13.10
N GLU B 249 8.97 20.89 -13.89
CA GLU B 249 7.53 20.79 -14.10
C GLU B 249 7.17 19.79 -15.17
N ARG B 250 5.87 19.44 -15.24
CA ARG B 250 5.36 18.53 -16.25
C ARG B 250 5.73 18.98 -17.69
N PRO B 251 6.21 18.05 -18.55
CA PRO B 251 6.68 18.49 -19.89
C PRO B 251 5.57 18.62 -20.97
N THR B 252 4.73 19.63 -20.82
CA THR B 252 3.65 19.91 -21.79
C THR B 252 4.32 20.58 -23.00
N PRO B 253 3.65 20.58 -24.17
CA PRO B 253 4.25 21.34 -25.30
C PRO B 253 4.75 22.73 -24.96
N ASP B 254 3.91 23.57 -24.29
CA ASP B 254 4.37 24.92 -23.94
C ASP B 254 5.64 24.97 -23.10
N ALA B 255 5.73 24.08 -22.09
CA ALA B 255 6.90 24.07 -21.26
C ALA B 255 8.15 23.65 -22.06
N VAL B 256 7.98 22.64 -22.91
CA VAL B 256 9.11 22.21 -23.75
C VAL B 256 9.53 23.35 -24.70
N PHE B 257 8.58 23.91 -25.43
CA PHE B 257 8.89 25.00 -26.39
C PHE B 257 9.61 26.15 -25.69
N LYS B 258 9.18 26.49 -24.49
CA LYS B 258 9.84 27.59 -23.79
C LYS B 258 11.34 27.33 -23.66
N ARG B 259 11.70 26.06 -23.31
CA ARG B 259 13.12 25.73 -23.17
C ARG B 259 13.84 25.64 -24.53
N TRP B 260 13.23 25.04 -25.54
CA TRP B 260 13.80 25.00 -26.90
C TRP B 260 14.18 26.39 -27.39
N LEU B 261 13.27 27.35 -27.09
CA LEU B 261 13.47 28.74 -27.51
C LEU B 261 14.52 29.50 -26.63
N GLY B 262 15.12 28.88 -25.60
CA GLY B 262 16.14 29.53 -24.79
C GLY B 262 15.61 30.43 -23.66
N GLY B 263 14.34 30.20 -23.30
CA GLY B 263 13.68 30.86 -22.16
C GLY B 263 14.26 30.55 -20.79
N VAL B 264 15.13 29.56 -20.67
CA VAL B 264 15.75 29.24 -19.39
C VAL B 264 17.27 29.16 -19.45
N GLY B 265 17.97 29.83 -18.52
CA GLY B 265 19.40 29.59 -18.37
C GLY B 265 20.29 30.24 -19.41
N GLY B 266 19.70 31.04 -20.30
CA GLY B 266 20.44 31.59 -21.45
C GLY B 266 20.94 30.51 -22.44
N VAL B 267 20.26 29.36 -22.51
CA VAL B 267 20.77 28.20 -23.32
C VAL B 267 19.64 27.67 -24.15
N LYS B 268 19.97 27.29 -25.38
CA LYS B 268 19.01 26.62 -26.27
C LYS B 268 19.53 25.18 -26.42
N PRO B 269 18.64 24.18 -26.16
CA PRO B 269 18.95 22.80 -26.31
C PRO B 269 19.39 22.53 -27.74
N THR B 270 20.45 21.73 -27.89
CA THR B 270 20.80 21.13 -29.20
C THR B 270 20.33 19.66 -29.34
N VAL B 271 20.06 18.98 -28.21
CA VAL B 271 19.66 17.56 -28.24
C VAL B 271 18.44 17.46 -27.36
N PHE B 272 17.35 16.98 -27.97
CA PHE B 272 16.10 16.77 -27.18
C PHE B 272 15.80 15.31 -27.18
N TYR B 273 15.19 14.85 -26.09
CA TYR B 273 14.74 13.44 -26.00
C TYR B 273 13.31 13.43 -25.42
N GLY B 274 12.49 12.50 -25.86
CA GLY B 274 11.12 12.45 -25.34
C GLY B 274 10.42 11.21 -25.86
N ALA B 275 9.19 10.98 -25.38
CA ALA B 275 8.40 9.84 -25.86
C ALA B 275 7.56 10.28 -27.09
N PRO B 276 7.17 9.30 -27.94
CA PRO B 276 6.33 9.62 -29.09
C PRO B 276 5.09 10.42 -28.72
N THR B 277 4.50 10.16 -27.54
CA THR B 277 3.32 10.96 -27.10
C THR B 277 3.61 12.44 -27.07
N GLY B 278 4.79 12.80 -26.54
CA GLY B 278 5.16 14.23 -26.47
C GLY B 278 5.41 14.81 -27.88
N TYR B 279 6.03 14.05 -28.77
CA TYR B 279 6.27 14.60 -30.09
C TYR B 279 4.86 14.80 -30.79
N ALA B 280 3.92 13.86 -30.63
CA ALA B 280 2.59 14.05 -31.24
C ALA B 280 1.85 15.28 -30.65
N GLY B 281 1.89 15.48 -29.34
CA GLY B 281 1.25 16.67 -28.73
C GLY B 281 1.96 17.96 -29.19
N MET B 282 3.29 17.95 -29.29
CA MET B 282 3.96 19.12 -29.85
C MET B 282 3.60 19.40 -31.32
N LEU B 283 3.56 18.36 -32.17
CA LEU B 283 3.30 18.62 -33.61
C LEU B 283 1.85 19.13 -33.78
N ALA B 284 0.97 18.80 -32.83
CA ALA B 284 -0.44 19.32 -32.89
C ALA B 284 -0.58 20.75 -32.37
N ALA B 285 0.39 21.23 -31.62
CA ALA B 285 0.28 22.52 -30.90
C ALA B 285 0.27 23.68 -31.92
N PRO B 286 -0.70 24.60 -31.81
CA PRO B 286 -0.69 25.66 -32.82
C PRO B 286 0.48 26.64 -32.68
N ASN B 287 1.10 26.70 -31.51
CA ASN B 287 2.34 27.49 -31.31
C ASN B 287 3.68 26.67 -31.45
N LEU B 288 3.63 25.58 -32.22
CA LEU B 288 4.86 24.81 -32.60
C LEU B 288 5.91 25.82 -33.15
N PRO B 289 7.11 25.90 -32.54
CA PRO B 289 8.11 26.84 -33.07
C PRO B 289 8.47 26.52 -34.52
N SER B 290 8.93 27.54 -35.28
CA SER B 290 9.44 27.20 -36.62
C SER B 290 10.90 26.81 -36.52
N ARG B 291 11.42 26.22 -37.60
CA ARG B 291 12.72 25.63 -37.50
C ARG B 291 13.82 26.66 -37.27
N ASP B 292 13.63 27.90 -37.71
CA ASP B 292 14.71 28.88 -37.47
C ASP B 292 14.71 29.42 -36.04
N GLN B 293 13.73 29.03 -35.20
CA GLN B 293 13.71 29.49 -33.84
C GLN B 293 14.40 28.58 -32.85
N VAL B 294 14.80 27.38 -33.30
CA VAL B 294 15.39 26.35 -32.36
C VAL B 294 16.81 26.07 -32.78
N ALA B 295 17.56 25.42 -31.89
CA ALA B 295 18.94 25.06 -32.15
C ALA B 295 19.10 23.54 -32.23
N LEU B 296 17.97 22.83 -32.24
CA LEU B 296 18.02 21.37 -32.20
C LEU B 296 18.85 20.75 -33.36
N ARG B 297 19.75 19.85 -33.04
CA ARG B 297 20.41 19.09 -34.10
C ARG B 297 20.08 17.62 -34.03
N LEU B 298 19.46 17.14 -32.91
CA LEU B 298 19.24 15.73 -32.78
C LEU B 298 17.97 15.55 -31.91
N ALA B 299 17.07 14.68 -32.35
CA ALA B 299 15.81 14.48 -31.63
C ALA B 299 15.70 12.97 -31.40
N SER B 300 15.79 12.57 -30.11
CA SER B 300 15.75 11.14 -29.73
C SER B 300 14.38 10.81 -29.21
N SER B 301 13.94 9.58 -29.46
CA SER B 301 12.66 9.13 -28.93
CA SER B 301 12.68 9.13 -28.89
C SER B 301 12.78 7.70 -28.37
N ALA B 302 12.10 7.45 -27.26
CA ALA B 302 11.95 6.08 -26.73
C ALA B 302 10.75 6.11 -25.81
N GLY B 303 10.23 4.90 -25.53
CA GLY B 303 9.23 4.80 -24.44
C GLY B 303 7.97 4.18 -25.03
N GLU B 304 7.88 4.17 -26.36
CA GLU B 304 6.80 3.41 -27.06
C GLU B 304 7.17 3.41 -28.55
N ALA B 305 6.49 2.58 -29.33
CA ALA B 305 6.90 2.50 -30.77
C ALA B 305 6.52 3.83 -31.40
N LEU B 306 7.41 4.41 -32.21
CA LEU B 306 7.10 5.70 -32.82
C LEU B 306 6.22 5.43 -34.09
N PRO B 307 4.95 5.94 -34.16
CA PRO B 307 4.27 5.79 -35.48
C PRO B 307 5.06 6.54 -36.57
N ALA B 308 5.13 5.90 -37.75
CA ALA B 308 5.92 6.49 -38.86
C ALA B 308 5.47 7.92 -39.18
N GLU B 309 4.17 8.19 -39.12
CA GLU B 309 3.66 9.49 -39.52
C GLU B 309 4.15 10.59 -38.61
N ILE B 310 4.35 10.24 -37.33
CA ILE B 310 4.89 11.20 -36.40
C ILE B 310 6.32 11.64 -36.79
N GLY B 311 7.18 10.67 -37.04
CA GLY B 311 8.58 11.07 -37.43
C GLY B 311 8.57 11.83 -38.74
N GLN B 312 7.75 11.40 -39.71
CA GLN B 312 7.69 12.04 -41.05
C GLN B 312 7.21 13.47 -40.92
N ARG B 313 6.16 13.71 -40.11
CA ARG B 313 5.69 15.04 -39.86
C ARG B 313 6.72 15.86 -39.19
N PHE B 314 7.45 15.29 -38.22
CA PHE B 314 8.49 16.05 -37.56
C PHE B 314 9.59 16.42 -38.53
N GLN B 315 9.98 15.46 -39.40
CA GLN B 315 11.06 15.68 -40.34
C GLN B 315 10.57 16.75 -41.33
N ARG B 316 9.30 16.63 -41.78
CA ARG B 316 8.76 17.68 -42.70
C ARG B 316 8.90 19.10 -42.12
N HIS B 317 8.65 19.25 -40.81
CA HIS B 317 8.52 20.53 -40.24
C HIS B 317 9.86 21.07 -39.85
N PHE B 318 10.65 20.25 -39.17
CA PHE B 318 11.96 20.70 -38.66
C PHE B 318 13.13 20.40 -39.56
N GLY B 319 12.99 19.51 -40.55
CA GLY B 319 14.21 19.05 -41.27
C GLY B 319 15.10 18.20 -40.36
N LEU B 320 14.55 17.63 -39.28
CA LEU B 320 15.27 16.68 -38.41
C LEU B 320 14.45 15.47 -38.32
N ASP B 321 15.08 14.29 -38.41
CA ASP B 321 14.38 13.06 -38.09
C ASP B 321 14.22 12.88 -36.62
N ILE B 322 13.25 12.06 -36.26
CA ILE B 322 13.23 11.60 -34.84
C ILE B 322 13.96 10.24 -34.86
N VAL B 323 14.95 10.09 -33.97
CA VAL B 323 15.75 8.87 -33.87
C VAL B 323 15.17 7.95 -32.75
N ASP B 324 14.40 6.93 -33.17
CA ASP B 324 13.60 6.05 -32.25
C ASP B 324 14.46 4.83 -31.93
N GLY B 325 14.61 4.54 -30.64
CA GLY B 325 15.31 3.33 -30.21
C GLY B 325 14.52 2.71 -29.05
N ILE B 326 14.85 1.47 -28.73
CA ILE B 326 14.24 0.76 -27.57
C ILE B 326 15.34 0.34 -26.59
N GLY B 327 15.08 0.64 -25.31
CA GLY B 327 15.83 0.11 -24.22
C GLY B 327 14.94 -0.55 -23.19
N SER B 328 15.49 -0.83 -22.01
CA SER B 328 14.53 -1.25 -20.90
C SER B 328 15.20 -0.87 -19.61
N THR B 329 14.44 -0.90 -18.53
CA THR B 329 15.11 -0.68 -17.24
C THR B 329 16.20 -1.70 -16.95
N GLU B 330 15.92 -2.94 -17.33
CA GLU B 330 16.82 -4.02 -17.04
C GLU B 330 18.13 -3.90 -17.87
N MET B 331 18.04 -3.39 -19.12
CA MET B 331 19.28 -3.24 -19.94
C MET B 331 19.91 -1.79 -19.77
N LEU B 332 19.26 -0.97 -18.94
CA LEU B 332 19.66 0.42 -18.54
C LEU B 332 19.46 1.50 -19.64
N HIS B 333 19.80 1.22 -20.91
CA HIS B 333 19.44 2.16 -21.95
C HIS B 333 19.33 1.37 -23.30
N ILE B 334 19.42 2.12 -24.38
CA ILE B 334 18.88 1.63 -25.67
C ILE B 334 19.86 0.60 -26.29
N PHE B 335 19.29 -0.50 -26.79
CA PHE B 335 20.13 -1.55 -27.38
C PHE B 335 19.78 -1.84 -28.84
N LEU B 336 18.66 -1.27 -29.31
CA LEU B 336 18.18 -1.48 -30.70
C LEU B 336 17.73 -0.11 -31.14
N SER B 337 18.36 0.45 -32.20
CA SER B 337 18.05 1.89 -32.47
C SER B 337 18.28 2.26 -33.93
N ASN B 338 17.44 3.18 -34.40
CA ASN B 338 17.79 3.97 -35.57
C ASN B 338 19.04 4.84 -35.29
N LEU B 339 19.69 5.38 -36.32
CA LEU B 339 20.94 6.11 -36.14
C LEU B 339 20.57 7.55 -36.53
N PRO B 340 21.38 8.53 -36.07
CA PRO B 340 21.09 9.90 -36.40
C PRO B 340 21.03 10.14 -37.94
N ASP B 341 21.88 9.45 -38.69
CA ASP B 341 21.84 9.61 -40.14
C ASP B 341 21.25 8.43 -40.89
N ARG B 342 20.63 7.51 -40.18
CA ARG B 342 19.98 6.36 -40.90
C ARG B 342 18.73 6.02 -40.08
N VAL B 343 17.58 6.52 -40.56
CA VAL B 343 16.32 6.29 -39.88
C VAL B 343 15.40 5.52 -40.82
N ARG B 344 14.82 4.43 -40.33
CA ARG B 344 13.71 3.83 -41.09
C ARG B 344 12.44 3.80 -40.26
N TYR B 345 11.57 4.77 -40.51
CA TYR B 345 10.30 4.86 -39.78
C TYR B 345 9.49 3.57 -40.00
N GLY B 346 8.71 3.21 -38.96
CA GLY B 346 8.04 1.90 -38.94
C GLY B 346 8.99 0.83 -38.37
N THR B 347 10.22 1.19 -37.97
CA THR B 347 11.06 0.14 -37.37
C THR B 347 11.83 0.83 -36.23
N THR B 348 12.46 0.03 -35.36
CA THR B 348 13.29 0.60 -34.29
C THR B 348 14.74 0.41 -34.71
N GLY B 349 14.95 0.27 -36.01
CA GLY B 349 16.35 0.32 -36.44
C GLY B 349 17.11 -0.99 -36.15
N TRP B 350 18.39 -0.85 -35.84
CA TRP B 350 19.38 -2.00 -35.88
C TRP B 350 20.00 -2.19 -34.48
N PRO B 351 20.55 -3.38 -34.19
CA PRO B 351 21.29 -3.61 -32.95
C PRO B 351 22.35 -2.56 -32.71
N VAL B 352 22.41 -2.05 -31.50
CA VAL B 352 23.49 -1.08 -31.15
C VAL B 352 24.78 -1.91 -31.01
N PRO B 353 25.90 -1.48 -31.65
CA PRO B 353 27.14 -2.21 -31.52
C PRO B 353 27.55 -2.41 -30.05
N GLY B 354 27.89 -3.66 -29.67
CA GLY B 354 28.14 -4.00 -28.22
C GLY B 354 26.99 -4.81 -27.64
N TYR B 355 25.79 -4.77 -28.26
CA TYR B 355 24.64 -5.58 -27.85
C TYR B 355 24.32 -6.66 -28.89
N GLN B 356 23.98 -7.86 -28.42
CA GLN B 356 23.61 -8.95 -29.34
C GLN B 356 22.10 -9.12 -29.14
N ILE B 357 21.33 -9.20 -30.21
CA ILE B 357 19.88 -9.37 -30.14
C ILE B 357 19.50 -10.77 -30.64
N GLU B 358 18.62 -11.53 -29.98
CA GLU B 358 18.07 -12.79 -30.57
C GLU B 358 16.58 -12.79 -30.50
N LEU B 359 15.89 -13.30 -31.51
CA LEU B 359 14.45 -13.52 -31.39
C LEU B 359 14.28 -15.06 -31.18
N ARG B 360 13.37 -15.46 -30.30
CA ARG B 360 13.13 -16.90 -29.99
C ARG B 360 11.62 -17.17 -30.06
N GLY B 361 11.28 -18.28 -30.72
CA GLY B 361 9.89 -18.67 -30.93
C GLY B 361 9.40 -19.54 -29.78
N ASP B 362 8.16 -20.05 -29.90
CA ASP B 362 7.50 -20.87 -28.85
C ASP B 362 8.43 -22.02 -28.29
N GLY B 363 9.31 -22.60 -29.10
CA GLY B 363 10.20 -23.59 -28.53
C GLY B 363 11.46 -23.09 -27.87
N GLY B 364 11.76 -21.78 -27.98
CA GLY B 364 13.10 -21.28 -27.61
C GLY B 364 14.05 -21.27 -28.80
N GLY B 365 13.56 -21.77 -29.92
CA GLY B 365 14.36 -21.86 -31.16
C GLY B 365 14.26 -20.58 -31.99
N PRO B 366 14.99 -20.55 -33.14
CA PRO B 366 15.04 -19.36 -33.98
C PRO B 366 13.74 -19.20 -34.73
N VAL B 367 13.49 -17.98 -35.19
CA VAL B 367 12.29 -17.63 -35.98
C VAL B 367 12.77 -17.13 -37.33
N ALA B 368 12.01 -17.38 -38.37
CA ALA B 368 12.35 -16.96 -39.74
C ALA B 368 12.22 -15.46 -39.83
N ASP B 369 12.98 -14.82 -40.72
CA ASP B 369 12.83 -13.36 -40.87
C ASP B 369 11.46 -13.05 -41.34
N GLY B 370 10.88 -11.94 -40.83
CA GLY B 370 9.47 -11.64 -41.05
C GLY B 370 8.50 -12.22 -40.06
N GLU B 371 8.90 -13.17 -39.22
CA GLU B 371 7.97 -13.70 -38.21
C GLU B 371 8.33 -13.20 -36.81
N PRO B 372 7.34 -13.03 -35.96
CA PRO B 372 7.59 -12.47 -34.58
C PRO B 372 8.30 -13.52 -33.68
N GLY B 373 9.27 -13.09 -32.88
CA GLY B 373 9.74 -13.87 -31.80
C GLY B 373 9.94 -13.04 -30.56
N ASP B 374 10.18 -13.75 -29.48
CA ASP B 374 10.45 -13.11 -28.22
C ASP B 374 11.81 -12.46 -28.21
N LEU B 375 11.89 -11.21 -27.79
CA LEU B 375 13.21 -10.54 -27.85
C LEU B 375 14.12 -10.79 -26.63
N TYR B 376 15.36 -11.20 -26.89
CA TYR B 376 16.37 -11.42 -25.83
C TYR B 376 17.62 -10.60 -26.19
N ILE B 377 18.30 -10.01 -25.16
CA ILE B 377 19.44 -9.14 -25.39
C ILE B 377 20.60 -9.68 -24.62
N HIS B 378 21.77 -9.63 -25.27
CA HIS B 378 23.00 -9.90 -24.55
C HIS B 378 23.89 -8.66 -24.62
N GLY B 379 24.11 -7.98 -23.49
CA GLY B 379 25.04 -6.87 -23.58
C GLY B 379 25.60 -6.48 -22.24
N PRO B 380 26.56 -5.56 -22.23
CA PRO B 380 27.33 -5.40 -21.00
C PRO B 380 26.66 -4.52 -19.93
N SER B 381 25.50 -3.93 -20.23
CA SER B 381 24.81 -3.01 -19.30
C SER B 381 23.66 -3.68 -18.52
N SER B 382 23.47 -4.98 -18.72
CA SER B 382 22.41 -5.76 -18.06
C SER B 382 22.48 -5.67 -16.53
N ALA B 383 21.28 -5.50 -15.93
CA ALA B 383 21.19 -5.52 -14.47
C ALA B 383 21.61 -6.92 -14.00
N THR B 384 22.01 -7.04 -12.71
CA THR B 384 22.41 -8.34 -12.17
C THR B 384 21.25 -9.21 -11.70
N MET B 385 20.17 -8.58 -11.27
CA MET B 385 19.06 -9.39 -10.66
C MET B 385 17.97 -8.38 -10.33
N TYR B 386 16.79 -8.91 -9.90
CA TYR B 386 15.78 -8.19 -9.16
C TYR B 386 16.01 -8.52 -7.70
N TRP B 387 16.27 -7.51 -6.90
CA TRP B 387 16.69 -7.73 -5.54
C TRP B 387 15.57 -8.41 -4.79
N GLY B 388 15.91 -9.51 -4.08
CA GLY B 388 14.99 -10.23 -3.24
C GLY B 388 13.93 -11.03 -4.00
N ASN B 389 14.05 -11.20 -5.33
CA ASN B 389 13.05 -11.97 -6.10
C ASN B 389 13.79 -12.94 -6.99
N ARG B 390 14.11 -14.10 -6.42
CA ARG B 390 15.00 -15.02 -7.15
C ARG B 390 14.26 -15.68 -8.30
N ALA B 391 12.94 -15.94 -8.14
CA ALA B 391 12.11 -16.61 -9.21
C ALA B 391 12.04 -15.71 -10.43
N LYS B 392 11.67 -14.46 -10.23
CA LYS B 392 11.62 -13.56 -11.42
C LYS B 392 13.02 -13.24 -11.94
N SER B 393 14.07 -13.23 -11.10
CA SER B 393 15.46 -13.01 -11.62
C SER B 393 15.86 -14.14 -12.55
N ARG B 394 15.56 -15.38 -12.12
CA ARG B 394 15.88 -16.57 -12.95
C ARG B 394 15.16 -16.59 -14.31
N ASP B 395 13.91 -16.17 -14.32
CA ASP B 395 13.16 -16.05 -15.50
C ASP B 395 13.56 -14.95 -16.48
N THR B 396 14.17 -13.88 -15.99
CA THR B 396 14.51 -12.75 -16.86
C THR B 396 15.99 -12.80 -17.23
N PHE B 397 16.83 -13.13 -16.28
CA PHE B 397 18.28 -13.04 -16.49
C PHE B 397 18.83 -14.45 -16.64
N GLN B 398 19.04 -14.90 -17.86
CA GLN B 398 19.33 -16.33 -18.10
C GLN B 398 20.68 -16.44 -18.84
N GLY B 399 21.72 -16.88 -18.15
CA GLY B 399 23.07 -17.07 -18.76
C GLY B 399 23.58 -15.99 -19.70
N GLY B 400 23.60 -14.74 -19.23
CA GLY B 400 24.04 -13.62 -20.02
C GLY B 400 22.97 -12.97 -20.90
N TRP B 401 21.85 -13.64 -21.12
CA TRP B 401 20.78 -13.08 -21.92
C TRP B 401 19.70 -12.47 -21.03
N THR B 402 19.09 -11.38 -21.46
CA THR B 402 18.04 -10.73 -20.67
C THR B 402 16.76 -10.76 -21.51
N LYS B 403 15.68 -11.29 -20.96
CA LYS B 403 14.40 -11.45 -21.63
C LYS B 403 13.63 -10.14 -21.53
N SER B 404 13.24 -9.53 -22.68
CA SER B 404 12.62 -8.19 -22.63
C SER B 404 11.10 -8.34 -22.33
N GLY B 405 10.52 -9.46 -22.76
CA GLY B 405 9.06 -9.55 -22.78
C GLY B 405 8.39 -8.79 -23.96
N ASP B 406 9.21 -8.17 -24.84
CA ASP B 406 8.70 -7.64 -26.11
C ASP B 406 8.76 -8.77 -27.19
N LYS B 407 7.90 -8.68 -28.20
CA LYS B 407 8.07 -9.44 -29.46
C LYS B 407 8.47 -8.47 -30.57
N TYR B 408 9.33 -8.95 -31.47
CA TYR B 408 9.78 -8.21 -32.58
C TYR B 408 9.90 -9.14 -33.80
N VAL B 409 9.92 -8.52 -34.95
CA VAL B 409 10.24 -9.11 -36.29
C VAL B 409 11.52 -8.50 -36.86
N ARG B 410 12.42 -9.37 -37.36
CA ARG B 410 13.56 -8.96 -38.13
C ARG B 410 13.17 -8.82 -39.61
N ASN B 411 13.43 -7.65 -40.15
CA ASN B 411 13.14 -7.28 -41.54
C ASN B 411 14.31 -7.62 -42.46
N ASP B 412 14.10 -7.50 -43.77
CA ASP B 412 15.13 -7.96 -44.74
C ASP B 412 16.41 -7.16 -44.71
N ASP B 413 16.32 -5.91 -44.21
CA ASP B 413 17.51 -5.08 -44.11
C ASP B 413 18.21 -5.21 -42.74
N GLY B 414 17.78 -6.18 -41.92
CA GLY B 414 18.42 -6.26 -40.63
C GLY B 414 17.79 -5.34 -39.54
N SER B 415 16.88 -4.46 -39.93
CA SER B 415 16.12 -3.66 -38.94
C SER B 415 15.04 -4.53 -38.26
N TYR B 416 14.48 -4.01 -37.16
CA TYR B 416 13.55 -4.78 -36.32
C TYR B 416 12.31 -3.92 -36.11
N THR B 417 11.17 -4.59 -36.15
CA THR B 417 9.88 -3.89 -36.04
C THR B 417 9.11 -4.52 -34.90
N TYR B 418 8.62 -3.63 -33.99
CA TYR B 418 7.93 -4.07 -32.81
C TYR B 418 6.66 -4.85 -33.17
N ALA B 419 6.48 -5.96 -32.46
CA ALA B 419 5.34 -6.89 -32.69
C ALA B 419 4.47 -7.13 -31.45
N GLY B 420 4.60 -6.33 -30.38
CA GLY B 420 3.72 -6.48 -29.19
C GLY B 420 4.40 -7.10 -27.96
N ARG B 421 3.68 -7.37 -26.88
CA ARG B 421 4.36 -7.74 -25.64
C ARG B 421 3.99 -9.17 -25.40
N THR B 422 4.83 -9.88 -24.67
CA THR B 422 4.44 -11.21 -24.19
C THR B 422 3.65 -11.22 -22.85
N ASP B 423 3.33 -10.07 -22.24
CA ASP B 423 2.62 -10.09 -20.92
C ASP B 423 1.36 -9.21 -20.72
N ASP B 424 1.05 -8.42 -21.72
CA ASP B 424 -0.14 -7.57 -21.54
C ASP B 424 0.15 -6.25 -20.86
N MET B 425 1.41 -5.99 -20.47
CA MET B 425 1.81 -4.66 -20.04
C MET B 425 1.45 -3.67 -21.16
N LEU B 426 1.08 -2.46 -20.75
CA LEU B 426 0.92 -1.31 -21.66
C LEU B 426 2.09 -0.41 -21.47
N LYS B 427 2.57 0.21 -22.54
CA LYS B 427 3.63 1.19 -22.36
C LYS B 427 2.95 2.51 -22.71
N VAL B 428 2.68 3.31 -21.70
CA VAL B 428 1.92 4.53 -21.95
C VAL B 428 2.92 5.74 -21.75
N SER B 429 3.38 6.39 -22.86
CA SER B 429 4.34 7.51 -22.77
CA SER B 429 4.36 7.50 -22.79
C SER B 429 5.61 7.14 -21.99
N GLY B 430 6.18 5.95 -22.22
CA GLY B 430 7.45 5.62 -21.57
C GLY B 430 7.26 4.80 -20.35
N ILE B 431 6.03 4.78 -19.82
CA ILE B 431 5.86 4.12 -18.52
C ILE B 431 5.14 2.84 -18.72
N TYR B 432 5.76 1.76 -18.25
CA TYR B 432 5.10 0.46 -18.19
C TYR B 432 3.97 0.57 -17.16
N VAL B 433 2.76 0.30 -17.60
CA VAL B 433 1.55 0.24 -16.75
C VAL B 433 0.85 -1.10 -16.91
N SER B 434 0.43 -1.70 -15.79
CA SER B 434 -0.33 -2.92 -15.82
C SER B 434 -1.83 -2.63 -16.02
N PRO B 435 -2.47 -3.22 -17.08
CA PRO B 435 -3.94 -3.12 -17.19
C PRO B 435 -4.76 -3.82 -16.08
N PHE B 436 -4.20 -4.85 -15.45
CA PHE B 436 -4.81 -5.62 -14.39
C PHE B 436 -4.92 -4.78 -13.13
N GLU B 437 -3.86 -3.98 -12.88
CA GLU B 437 -3.91 -2.99 -11.81
C GLU B 437 -5.08 -1.96 -11.95
N ILE B 438 -5.17 -1.36 -13.14
CA ILE B 438 -6.35 -0.50 -13.46
C ILE B 438 -7.72 -1.17 -13.27
N GLU B 439 -7.87 -2.36 -13.84
CA GLU B 439 -9.12 -3.08 -13.75
C GLU B 439 -9.57 -3.34 -12.35
N ALA B 440 -8.58 -3.83 -11.56
CA ALA B 440 -8.83 -4.25 -10.19
C ALA B 440 -9.26 -3.04 -9.35
N THR B 441 -8.66 -1.87 -9.65
CA THR B 441 -9.06 -0.63 -9.04
C THR B 441 -10.44 -0.20 -9.41
N LEU B 442 -10.78 -0.18 -10.71
CA LEU B 442 -12.14 0.13 -11.12
C LEU B 442 -13.21 -0.72 -10.56
N VAL B 443 -12.93 -2.03 -10.47
CA VAL B 443 -13.94 -2.94 -9.97
C VAL B 443 -14.27 -2.68 -8.47
N GLN B 444 -13.44 -1.93 -7.76
CA GLN B 444 -13.79 -1.58 -6.36
C GLN B 444 -14.92 -0.52 -6.33
N HIS B 445 -15.18 0.18 -7.47
CA HIS B 445 -16.31 1.12 -7.51
C HIS B 445 -17.62 0.36 -7.33
N PRO B 446 -18.46 0.78 -6.35
CA PRO B 446 -19.59 -0.12 -6.06
C PRO B 446 -20.67 -0.14 -7.18
N GLY B 447 -20.58 0.78 -8.13
CA GLY B 447 -21.48 0.80 -9.30
C GLY B 447 -20.99 -0.13 -10.44
N VAL B 448 -19.77 -0.65 -10.31
CA VAL B 448 -19.18 -1.42 -11.41
C VAL B 448 -19.38 -2.94 -11.14
N LEU B 449 -19.96 -3.70 -12.06
CA LEU B 449 -19.97 -5.17 -11.91
C LEU B 449 -18.65 -5.85 -12.31
N GLU B 450 -18.18 -5.54 -13.51
CA GLU B 450 -16.94 -6.16 -14.04
C GLU B 450 -16.32 -5.11 -14.94
N ALA B 451 -15.04 -5.27 -15.17
CA ALA B 451 -14.27 -4.28 -16.02
C ALA B 451 -13.04 -4.96 -16.62
N ALA B 452 -12.64 -4.52 -17.82
CA ALA B 452 -11.46 -5.05 -18.45
C ALA B 452 -10.79 -3.81 -19.04
N VAL B 453 -9.50 -3.77 -18.95
CA VAL B 453 -8.71 -2.66 -19.49
C VAL B 453 -7.72 -3.26 -20.44
N VAL B 454 -7.67 -2.63 -21.63
CA VAL B 454 -6.78 -3.07 -22.71
C VAL B 454 -6.11 -1.80 -23.29
N GLY B 455 -5.04 -2.02 -24.08
CA GLY B 455 -4.30 -0.93 -24.76
C GLY B 455 -4.96 -0.69 -26.12
N VAL B 456 -5.35 0.56 -26.44
CA VAL B 456 -6.03 0.85 -27.71
C VAL B 456 -5.35 2.16 -28.25
N ALA B 457 -5.04 2.17 -29.54
CA ALA B 457 -4.47 3.37 -30.19
C ALA B 457 -5.38 4.59 -30.17
N ASP B 458 -4.86 5.74 -29.75
CA ASP B 458 -5.56 7.02 -29.85
C ASP B 458 -5.50 7.58 -31.30
N GLU B 459 -5.92 8.85 -31.44
CA GLU B 459 -6.01 9.52 -32.79
C GLU B 459 -4.66 9.69 -33.46
N HIS B 460 -3.57 9.58 -32.65
CA HIS B 460 -2.19 9.70 -33.13
C HIS B 460 -1.52 8.36 -33.31
N GLY B 461 -2.24 7.25 -33.06
CA GLY B 461 -1.71 5.92 -33.20
C GLY B 461 -0.94 5.46 -31.97
N LEU B 462 -1.12 6.13 -30.82
CA LEU B 462 -0.33 5.77 -29.62
C LEU B 462 -1.26 5.03 -28.64
N THR B 463 -0.71 4.00 -28.01
CA THR B 463 -1.53 3.12 -27.10
C THR B 463 -1.87 3.79 -25.81
N LYS B 464 -3.19 3.79 -25.46
CA LYS B 464 -3.63 4.29 -24.13
C LYS B 464 -4.52 3.24 -23.50
N PRO B 465 -4.62 3.16 -22.15
CA PRO B 465 -5.54 2.22 -21.57
C PRO B 465 -6.95 2.63 -21.92
N LYS B 466 -7.77 1.62 -22.17
CA LYS B 466 -9.19 1.88 -22.44
C LYS B 466 -9.98 0.89 -21.59
N ALA B 467 -11.03 1.34 -20.90
CA ALA B 467 -11.70 0.45 -20.02
C ALA B 467 -13.02 0.05 -20.67
N TYR B 468 -13.39 -1.21 -20.54
CA TYR B 468 -14.74 -1.68 -20.95
C TYR B 468 -15.43 -2.10 -19.66
N VAL B 469 -16.52 -1.41 -19.31
CA VAL B 469 -17.12 -1.53 -17.94
C VAL B 469 -18.55 -1.99 -18.03
N VAL B 470 -18.87 -3.08 -17.34
CA VAL B 470 -20.28 -3.53 -17.17
C VAL B 470 -20.80 -2.87 -15.89
N PRO B 471 -21.78 -1.92 -15.98
CA PRO B 471 -22.38 -1.38 -14.74
C PRO B 471 -23.21 -2.43 -13.99
N ARG B 472 -23.35 -2.26 -12.68
CA ARG B 472 -24.31 -3.08 -11.91
C ARG B 472 -25.72 -2.64 -12.33
N PRO B 473 -26.66 -3.62 -12.58
CA PRO B 473 -28.13 -3.32 -12.86
C PRO B 473 -28.65 -2.19 -12.00
N GLY B 474 -29.16 -1.13 -12.64
CA GLY B 474 -29.31 0.20 -12.00
C GLY B 474 -28.91 0.77 -11.51
N GLN B 475 -27.72 0.49 -11.00
CA GLN B 475 -26.80 1.57 -10.62
C GLN B 475 -26.43 2.42 -11.83
N THR B 476 -26.43 3.10 -12.55
CA THR B 476 -25.97 4.50 -12.61
C THR B 476 -24.67 5.28 -12.85
N LEU B 477 -23.73 5.77 -13.91
CA LEU B 477 -22.24 5.77 -13.88
C LEU B 477 -21.69 6.65 -15.02
N SER B 478 -20.67 7.47 -14.76
CA SER B 478 -20.08 8.24 -15.87
C SER B 478 -18.55 8.06 -16.07
N GLU B 479 -18.08 8.32 -17.28
CA GLU B 479 -16.65 8.30 -17.63
C GLU B 479 -15.75 9.16 -16.70
N THR B 480 -16.15 10.42 -16.48
CA THR B 480 -15.40 11.36 -15.60
C THR B 480 -15.34 10.86 -14.13
N GLU B 481 -16.46 10.36 -13.64
CA GLU B 481 -16.48 9.82 -12.29
C GLU B 481 -15.46 8.64 -12.08
N LEU B 482 -15.39 7.77 -13.07
CA LEU B 482 -14.41 6.71 -13.04
C LEU B 482 -12.93 7.18 -13.29
N LYS B 483 -12.69 8.26 -14.07
CA LYS B 483 -11.30 8.76 -14.24
C LYS B 483 -10.86 9.33 -12.88
N THR B 484 -11.77 10.05 -12.20
CA THR B 484 -11.54 10.56 -10.84
C THR B 484 -11.21 9.42 -9.86
N PHE B 485 -12.10 8.42 -9.85
CA PHE B 485 -11.97 7.23 -8.96
C PHE B 485 -10.53 6.65 -9.09
N ILE B 486 -10.10 6.42 -10.33
CA ILE B 486 -8.72 5.95 -10.58
C ILE B 486 -7.60 6.94 -10.08
N LYS B 487 -7.68 8.20 -10.51
CA LYS B 487 -6.65 9.18 -10.20
C LYS B 487 -6.54 9.39 -8.68
N ASP B 488 -7.64 9.19 -7.96
CA ASP B 488 -7.61 9.26 -6.49
C ASP B 488 -6.88 8.10 -5.79
N ARG B 489 -6.68 6.96 -6.49
CA ARG B 489 -6.20 5.76 -5.85
C ARG B 489 -4.82 5.28 -6.36
N LEU B 490 -4.56 5.53 -7.65
CA LEU B 490 -3.36 5.02 -8.32
C LEU B 490 -2.56 6.22 -8.77
N ALA B 491 -1.34 6.01 -9.22
CA ALA B 491 -0.60 7.07 -9.85
C ALA B 491 -1.43 7.71 -10.99
N PRO B 492 -1.35 9.05 -11.17
CA PRO B 492 -2.36 9.73 -12.01
C PRO B 492 -2.32 9.43 -13.47
N TYR B 493 -1.23 8.83 -13.96
CA TYR B 493 -1.11 8.56 -15.38
C TYR B 493 -1.67 7.16 -15.71
N LYS B 494 -2.13 6.44 -14.70
CA LYS B 494 -2.72 5.13 -14.92
C LYS B 494 -4.26 5.18 -15.30
N TYR B 495 -4.87 6.35 -15.41
CA TYR B 495 -6.34 6.36 -15.65
C TYR B 495 -6.68 5.86 -17.11
N PRO B 496 -7.84 5.20 -17.31
CA PRO B 496 -8.25 4.89 -18.67
C PRO B 496 -8.54 6.20 -19.42
N ARG B 497 -7.99 6.37 -20.60
CA ARG B 497 -8.26 7.54 -21.45
C ARG B 497 -9.65 7.61 -22.02
N SER B 498 -10.34 6.48 -22.10
CA SER B 498 -11.77 6.47 -22.32
C SER B 498 -12.31 5.22 -21.66
N THR B 499 -13.62 5.28 -21.40
CA THR B 499 -14.32 4.18 -20.82
C THR B 499 -15.54 3.94 -21.63
N VAL B 500 -15.77 2.69 -22.06
CA VAL B 500 -16.98 2.23 -22.79
C VAL B 500 -17.84 1.41 -21.81
N PHE B 501 -19.12 1.77 -21.66
CA PHE B 501 -20.05 0.99 -20.85
C PHE B 501 -20.72 -0.06 -21.73
N VAL B 502 -20.58 -1.33 -21.36
CA VAL B 502 -21.09 -2.48 -22.15
C VAL B 502 -22.00 -3.41 -21.28
N ALA B 503 -22.89 -4.15 -21.92
CA ALA B 503 -23.76 -5.08 -21.20
C ALA B 503 -23.04 -6.33 -20.75
N GLU B 504 -22.07 -6.83 -21.52
CA GLU B 504 -21.20 -7.94 -21.04
C GLU B 504 -19.84 -7.97 -21.76
N LEU B 505 -18.86 -8.64 -21.17
CA LEU B 505 -17.53 -8.75 -21.73
C LEU B 505 -17.45 -10.08 -22.39
N PRO B 506 -16.70 -10.18 -23.49
CA PRO B 506 -16.52 -11.52 -24.15
C PRO B 506 -15.66 -12.44 -23.25
N LYS B 507 -16.09 -13.68 -23.09
CA LYS B 507 -15.41 -14.61 -22.17
C LYS B 507 -15.21 -15.94 -22.80
N THR B 508 -14.14 -16.63 -22.39
CA THR B 508 -13.91 -18.01 -22.76
C THR B 508 -14.92 -18.92 -22.10
N ALA B 509 -14.85 -20.22 -22.39
CA ALA B 509 -15.83 -21.16 -21.83
C ALA B 509 -15.62 -21.25 -20.29
N THR B 510 -14.35 -21.05 -19.91
CA THR B 510 -13.80 -20.96 -18.54
C THR B 510 -14.21 -19.70 -17.69
N GLY B 511 -14.70 -18.66 -18.36
CA GLY B 511 -15.08 -17.42 -17.74
C GLY B 511 -13.91 -16.42 -17.73
N LYS B 512 -12.83 -16.78 -18.41
CA LYS B 512 -11.74 -15.79 -18.60
C LYS B 512 -12.16 -14.70 -19.62
N ILE B 513 -11.72 -13.45 -19.40
CA ILE B 513 -11.97 -12.41 -20.38
C ILE B 513 -11.10 -12.62 -21.64
N GLN B 514 -11.75 -12.52 -22.79
CA GLN B 514 -11.06 -12.54 -24.11
C GLN B 514 -10.58 -11.10 -24.38
N ARG B 515 -9.47 -10.73 -23.75
CA ARG B 515 -9.03 -9.32 -23.89
C ARG B 515 -8.61 -9.00 -25.39
N PHE B 516 -8.10 -9.98 -26.13
CA PHE B 516 -7.82 -9.75 -27.57
C PHE B 516 -9.03 -9.16 -28.33
N LYS B 517 -10.25 -9.66 -28.08
CA LYS B 517 -11.41 -9.15 -28.78
C LYS B 517 -11.64 -7.69 -28.51
N LEU B 518 -11.35 -7.30 -27.24
CA LEU B 518 -11.56 -5.92 -26.83
C LEU B 518 -10.55 -5.05 -27.58
N ARG B 519 -9.27 -5.47 -27.57
CA ARG B 519 -8.24 -4.75 -28.33
C ARG B 519 -8.61 -4.65 -29.81
N GLU B 520 -9.15 -5.75 -30.38
CA GLU B 520 -9.56 -5.78 -31.80
C GLU B 520 -10.80 -4.92 -32.08
N GLY B 521 -11.51 -4.49 -31.04
CA GLY B 521 -12.55 -3.50 -31.28
C GLY B 521 -13.93 -4.10 -31.50
N VAL B 522 -14.12 -5.38 -31.16
CA VAL B 522 -15.51 -6.01 -31.24
C VAL B 522 -16.60 -5.21 -30.48
N LEU B 523 -16.24 -4.57 -29.36
CA LEU B 523 -17.19 -3.71 -28.63
C LEU B 523 -16.98 -2.23 -28.82
N GLY B 524 -16.27 -1.83 -29.89
CA GLY B 524 -15.93 -0.41 -30.06
C GLY B 524 -14.79 0.00 -29.13
#